data_3KVG
#
_entry.id   3KVG
#
_cell.length_a   86.644
_cell.length_b   115.449
_cell.length_c   179.870
_cell.angle_alpha   90.00
_cell.angle_beta   90.00
_cell.angle_gamma   90.00
#
_symmetry.space_group_name_H-M   'C 2 2 21'
#
loop_
_entity.id
_entity.type
_entity.pdbx_description
1 polymer 'Heat shock 70 (HSP70) protein'
2 non-polymer 'PHOSPHOAMINOPHOSPHONIC ACID-ADENYLATE ESTER'
3 non-polymer 1,2-ETHANEDIOL
4 non-polymer 'PHOSPHATE ION'
5 water water
#
_entity_poly.entity_id   1
_entity_poly.type   'polypeptide(L)'
_entity_poly.pdbx_seq_one_letter_code
;MHHHHHHSSGRENLYFQGGPAIGIDLGTTYSCVGVWRNDTVDIVPNDQGNRTTPSYVAFTETERLIGDAAKNQVARNPEN
TVFDAKRLIGRKFDDQAVQSDMTHWPFKVVRGPKDKPIISVNYLGEKKEFHAEEISAMVLQKMKEISEAYLGRQIKNAVV
TVPAYFNDSQRQATKDAGAIAGLNVMRIINEPTAAAIAYGLDKKGTGERNVLIFDLGGGTFDVSLLTIEDGIFEVKATAG
DTHLGGEDFDNRLVEFCVQDFKRKNRGMDLTTNARALRRLRTQCERAKRTLSSSTQATIELDSLYEGIDYSVAISRARFE
ELCADYFRATLAPVEKVLKDAGMDKRSVHDVVLVGGSTRIPKVQALIQEFFNGKEPCKAINPDEAVAYGAAVQAAILNGE
;
_entity_poly.pdbx_strand_id   A,B
#
# COMPACT_ATOMS: atom_id res chain seq x y z
N GLY A 19 2.44 -18.74 1.49
CA GLY A 19 3.51 -17.84 1.92
C GLY A 19 3.61 -17.71 3.44
N PRO A 20 4.47 -16.79 3.95
CA PRO A 20 4.58 -16.66 5.42
C PRO A 20 3.47 -15.82 6.02
N ALA A 21 3.13 -16.10 7.28
CA ALA A 21 2.06 -15.43 8.00
C ALA A 21 2.58 -14.51 9.08
N ILE A 22 1.93 -13.35 9.25
CA ILE A 22 2.30 -12.33 10.24
C ILE A 22 1.22 -12.15 11.30
N GLY A 23 1.61 -11.57 12.42
CA GLY A 23 0.72 -11.27 13.52
C GLY A 23 0.70 -9.77 13.74
N ILE A 24 -0.51 -9.14 13.72
CA ILE A 24 -0.60 -7.69 13.87
C ILE A 24 -1.44 -7.25 15.08
N ASP A 25 -0.86 -6.39 15.90
CA ASP A 25 -1.53 -5.74 17.02
C ASP A 25 -1.96 -4.38 16.49
N LEU A 26 -3.25 -4.23 16.18
CA LEU A 26 -3.80 -2.98 15.67
C LEU A 26 -4.30 -2.18 16.89
N GLY A 27 -3.39 -1.40 17.48
CA GLY A 27 -3.68 -0.62 18.69
C GLY A 27 -4.42 0.68 18.44
N THR A 28 -5.01 1.24 19.50
CA THR A 28 -5.73 2.53 19.44
C THR A 28 -4.75 3.66 19.10
N THR A 29 -3.57 3.61 19.73
CA THR A 29 -2.54 4.63 19.53
C THR A 29 -1.32 4.11 18.77
N TYR A 30 -0.90 2.85 18.98
CA TYR A 30 0.26 2.26 18.30
C TYR A 30 -0.01 0.88 17.74
N SER A 31 0.52 0.60 16.54
CA SER A 31 0.41 -0.71 15.90
C SER A 31 1.77 -1.40 15.85
N CYS A 32 1.78 -2.74 15.89
CA CYS A 32 2.97 -3.57 15.98
C CYS A 32 2.76 -4.85 15.17
N VAL A 33 3.79 -5.30 14.44
CA VAL A 33 3.72 -6.50 13.61
C VAL A 33 4.88 -7.48 13.95
N GLY A 34 4.53 -8.77 14.03
CA GLY A 34 5.46 -9.85 14.32
C GLY A 34 5.53 -10.80 13.15
N VAL A 35 6.75 -11.23 12.80
CA VAL A 35 7.01 -12.15 11.68
C VAL A 35 7.78 -13.34 12.17
N TRP A 36 8.00 -14.32 11.29
CA TRP A 36 8.79 -15.52 11.50
C TRP A 36 10.03 -15.51 10.67
N ARG A 37 11.21 -15.60 11.31
CA ARG A 37 12.52 -15.71 10.65
C ARG A 37 13.28 -16.74 11.42
N ASN A 38 13.84 -17.76 10.71
CA ASN A 38 14.64 -18.83 11.30
C ASN A 38 13.90 -19.59 12.41
N ASP A 39 12.62 -19.91 12.19
CA ASP A 39 11.77 -20.62 13.15
C ASP A 39 11.57 -19.95 14.51
N THR A 40 11.66 -18.63 14.56
CA THR A 40 11.38 -17.85 15.77
C THR A 40 10.59 -16.62 15.35
N VAL A 41 10.07 -15.87 16.32
CA VAL A 41 9.32 -14.63 16.10
C VAL A 41 10.29 -13.44 16.15
N ASP A 42 10.18 -12.53 15.17
CA ASP A 42 10.92 -11.27 15.15
C ASP A 42 9.84 -10.19 15.15
N ILE A 43 10.07 -9.10 15.87
CA ILE A 43 9.17 -7.95 15.85
C ILE A 43 9.76 -6.99 14.84
N VAL A 44 8.94 -6.59 13.87
CA VAL A 44 9.38 -5.76 12.75
C VAL A 44 9.65 -4.29 13.14
N PRO A 45 10.91 -3.83 12.99
CA PRO A 45 11.18 -2.41 13.25
C PRO A 45 10.71 -1.57 12.07
N ASN A 46 10.21 -0.36 12.34
CA ASN A 46 9.75 0.52 11.27
C ASN A 46 10.95 1.33 10.73
N ASP A 47 10.71 2.31 9.82
CA ASP A 47 11.75 3.14 9.21
C ASP A 47 12.50 4.05 10.20
N GLN A 48 12.02 4.16 11.45
CA GLN A 48 12.62 4.96 12.51
C GLN A 48 13.33 4.08 13.54
N GLY A 49 13.39 2.78 13.26
CA GLY A 49 14.00 1.81 14.17
C GLY A 49 13.15 1.45 15.37
N ASN A 50 11.86 1.84 15.38
CA ASN A 50 10.94 1.53 16.49
C ASN A 50 10.05 0.35 16.13
N ARG A 51 9.72 -0.48 17.13
CA ARG A 51 8.88 -1.66 16.93
C ARG A 51 7.40 -1.39 16.94
N THR A 52 7.04 -0.15 17.25
CA THR A 52 5.64 0.24 17.24
C THR A 52 5.49 1.50 16.38
N THR A 53 4.35 1.63 15.70
CA THR A 53 4.07 2.73 14.79
C THR A 53 2.79 3.43 15.21
N PRO A 54 2.78 4.79 15.32
CA PRO A 54 1.53 5.49 15.69
C PRO A 54 0.38 5.13 14.74
N SER A 55 -0.82 4.83 15.29
CA SER A 55 -2.00 4.52 14.47
C SER A 55 -2.61 5.85 13.97
N TYR A 56 -1.82 6.58 13.17
CA TYR A 56 -2.15 7.89 12.62
C TYR A 56 -2.03 7.91 11.12
N VAL A 57 -2.92 8.66 10.49
CA VAL A 57 -2.95 8.90 9.04
C VAL A 57 -3.24 10.42 8.88
N ALA A 58 -2.68 11.02 7.83
CA ALA A 58 -2.90 12.42 7.51
C ALA A 58 -3.03 12.62 6.02
N PHE A 59 -3.88 13.57 5.63
CA PHE A 59 -4.14 13.88 4.23
C PHE A 59 -3.78 15.34 3.98
N THR A 60 -3.05 15.58 2.89
CA THR A 60 -2.65 16.93 2.48
C THR A 60 -3.11 17.13 1.04
N GLU A 61 -2.82 18.29 0.46
CA GLU A 61 -3.16 18.61 -0.92
C GLU A 61 -2.32 17.82 -1.91
N THR A 62 -1.21 17.20 -1.45
CA THR A 62 -0.28 16.45 -2.29
C THR A 62 0.06 15.01 -1.88
N GLU A 63 -0.21 14.62 -0.63
CA GLU A 63 0.16 13.29 -0.13
C GLU A 63 -0.65 12.79 1.04
N ARG A 64 -0.48 11.49 1.37
CA ARG A 64 -1.07 10.89 2.56
C ARG A 64 0.11 10.41 3.40
N LEU A 65 0.03 10.63 4.70
CA LEU A 65 1.11 10.29 5.62
C LEU A 65 0.61 9.28 6.60
N ILE A 66 1.47 8.33 6.99
CA ILE A 66 1.15 7.23 7.91
CA ILE A 66 1.09 7.33 7.97
C ILE A 66 2.15 7.22 9.07
N GLY A 67 1.67 6.93 10.27
CA GLY A 67 2.51 6.79 11.45
C GLY A 67 3.11 8.06 11.98
N ASP A 68 4.44 8.02 12.25
CA ASP A 68 5.22 9.14 12.79
C ASP A 68 5.14 10.38 11.92
N ALA A 69 5.24 10.23 10.57
CA ALA A 69 5.15 11.35 9.63
C ALA A 69 3.79 12.04 9.75
N ALA A 70 2.71 11.26 9.97
CA ALA A 70 1.36 11.79 10.16
C ALA A 70 1.23 12.48 11.53
N LYS A 71 1.65 11.81 12.60
CA LYS A 71 1.56 12.33 13.96
C LYS A 71 2.39 13.61 14.18
N ASN A 72 3.57 13.71 13.61
CA ASN A 72 4.40 14.89 13.82
C ASN A 72 3.85 16.18 13.19
N GLN A 73 3.01 16.08 12.12
CA GLN A 73 2.42 17.26 11.47
C GLN A 73 1.01 17.58 11.94
N VAL A 74 0.54 16.93 13.03
CA VAL A 74 -0.82 17.10 13.56
C VAL A 74 -1.17 18.58 13.86
N ALA A 75 -0.24 19.34 14.48
CA ALA A 75 -0.44 20.75 14.84
C ALA A 75 -0.64 21.64 13.59
N ARG A 76 0.05 21.32 12.48
CA ARG A 76 0.02 22.04 11.20
C ARG A 76 -1.18 21.70 10.30
N ASN A 77 -1.85 20.57 10.56
CA ASN A 77 -2.95 20.06 9.73
C ASN A 77 -3.96 19.27 10.62
N PRO A 78 -4.62 19.94 11.61
CA PRO A 78 -5.50 19.19 12.52
C PRO A 78 -6.76 18.56 11.95
N GLU A 79 -7.41 19.24 11.00
CA GLU A 79 -8.67 18.78 10.41
C GLU A 79 -8.54 17.53 9.57
N ASN A 80 -7.33 17.31 8.99
CA ASN A 80 -7.08 16.19 8.09
C ASN A 80 -6.13 15.11 8.63
N THR A 81 -5.85 15.16 9.94
CA THR A 81 -5.04 14.16 10.63
C THR A 81 -5.98 13.30 11.43
N VAL A 82 -6.10 12.01 11.02
CA VAL A 82 -7.00 11.03 11.61
C VAL A 82 -6.25 10.07 12.53
N PHE A 83 -6.86 9.81 13.69
CA PHE A 83 -6.35 8.91 14.72
C PHE A 83 -7.57 8.37 15.45
N ASP A 84 -7.37 7.41 16.38
CA ASP A 84 -8.45 6.80 17.17
C ASP A 84 -9.53 6.12 16.31
N ALA A 85 -9.19 5.62 15.11
CA ALA A 85 -10.15 4.90 14.24
C ALA A 85 -10.69 3.65 14.95
N LYS A 86 -9.91 3.09 15.91
CA LYS A 86 -10.28 1.91 16.69
C LYS A 86 -11.50 2.21 17.60
N ARG A 87 -11.68 3.49 18.01
CA ARG A 87 -12.81 3.94 18.83
C ARG A 87 -14.10 4.06 18.00
N LEU A 88 -13.97 4.02 16.66
CA LEU A 88 -15.07 4.16 15.71
C LEU A 88 -15.40 2.87 14.95
N ILE A 89 -14.38 2.01 14.69
CA ILE A 89 -14.51 0.78 13.93
C ILE A 89 -15.65 -0.15 14.40
N GLY A 90 -16.54 -0.52 13.46
CA GLY A 90 -17.68 -1.39 13.70
C GLY A 90 -18.79 -0.85 14.58
N ARG A 91 -18.73 0.45 14.92
CA ARG A 91 -19.72 1.11 15.77
C ARG A 91 -20.68 1.93 14.93
N LYS A 92 -21.81 2.36 15.54
CA LYS A 92 -22.83 3.16 14.87
C LYS A 92 -22.61 4.64 15.18
N PHE A 93 -22.95 5.53 14.23
CA PHE A 93 -22.80 6.97 14.38
C PHE A 93 -23.49 7.54 15.63
N ASP A 94 -24.72 7.09 15.92
CA ASP A 94 -25.48 7.59 17.08
C ASP A 94 -25.17 6.96 18.45
N ASP A 95 -24.12 6.12 18.55
CA ASP A 95 -23.70 5.55 19.83
C ASP A 95 -23.23 6.71 20.72
N GLN A 96 -23.69 6.75 21.98
CA GLN A 96 -23.32 7.82 22.92
C GLN A 96 -21.80 7.95 23.02
N ALA A 97 -21.09 6.79 23.08
CA ALA A 97 -19.63 6.70 23.14
C ALA A 97 -18.98 7.42 21.93
N VAL A 98 -19.52 7.18 20.72
CA VAL A 98 -19.06 7.79 19.46
C VAL A 98 -19.31 9.30 19.53
N GLN A 99 -20.55 9.72 19.86
CA GLN A 99 -20.94 11.13 20.00
C GLN A 99 -20.07 11.89 21.01
N SER A 100 -19.72 11.22 22.13
CA SER A 100 -18.85 11.79 23.17
C SER A 100 -17.41 11.97 22.66
N ASP A 101 -16.85 10.92 22.00
CA ASP A 101 -15.49 10.91 21.45
C ASP A 101 -15.30 12.00 20.39
N MET A 102 -16.33 12.19 19.54
CA MET A 102 -16.36 13.17 18.44
C MET A 102 -16.07 14.60 18.89
N THR A 103 -16.48 14.96 20.11
CA THR A 103 -16.29 16.30 20.70
C THR A 103 -14.81 16.61 20.97
N HIS A 104 -13.94 15.58 21.04
CA HIS A 104 -12.50 15.76 21.25
C HIS A 104 -11.66 15.52 19.99
N TRP A 105 -12.30 15.29 18.85
CA TRP A 105 -11.59 15.05 17.60
C TRP A 105 -11.61 16.26 16.68
N PRO A 106 -10.46 16.70 16.14
CA PRO A 106 -10.47 17.86 15.22
C PRO A 106 -10.93 17.52 13.80
N PHE A 107 -10.96 16.22 13.46
CA PHE A 107 -11.42 15.75 12.16
C PHE A 107 -12.93 15.55 12.23
N LYS A 108 -13.62 15.77 11.12
CA LYS A 108 -15.08 15.69 11.01
C LYS A 108 -15.58 14.25 10.82
N VAL A 109 -16.61 13.90 11.61
CA VAL A 109 -17.30 12.61 11.54
C VAL A 109 -18.79 12.93 11.27
N VAL A 110 -19.34 12.38 10.18
CA VAL A 110 -20.74 12.58 9.77
C VAL A 110 -21.50 11.25 9.70
N ARG A 111 -22.85 11.32 9.63
CA ARG A 111 -23.70 10.13 9.55
C ARG A 111 -23.78 9.69 8.09
N GLY A 112 -23.45 8.45 7.84
CA GLY A 112 -23.58 7.88 6.52
C GLY A 112 -24.84 7.04 6.46
N PRO A 113 -25.15 6.38 5.32
CA PRO A 113 -26.33 5.51 5.31
C PRO A 113 -26.13 4.32 6.25
N LYS A 114 -27.24 3.75 6.75
N LYS A 114 -27.24 3.75 6.75
CA LYS A 114 -27.28 2.60 7.67
CA LYS A 114 -27.28 2.61 7.67
C LYS A 114 -26.59 2.90 9.03
C LYS A 114 -26.61 2.90 9.03
N ASP A 115 -26.60 4.19 9.44
CA ASP A 115 -26.04 4.70 10.71
C ASP A 115 -24.51 4.49 10.85
N LYS A 116 -23.80 4.45 9.71
CA LYS A 116 -22.35 4.23 9.63
C LYS A 116 -21.53 5.53 9.78
N PRO A 117 -20.55 5.60 10.71
CA PRO A 117 -19.74 6.83 10.81
C PRO A 117 -18.90 7.02 9.54
N ILE A 118 -18.76 8.28 9.10
CA ILE A 118 -17.98 8.65 7.94
C ILE A 118 -17.00 9.74 8.35
N ILE A 119 -15.70 9.51 8.17
CA ILE A 119 -14.67 10.50 8.47
C ILE A 119 -14.57 11.39 7.22
N SER A 120 -14.70 12.71 7.40
CA SER A 120 -14.66 13.66 6.29
C SER A 120 -13.44 14.55 6.37
N VAL A 121 -12.56 14.45 5.37
CA VAL A 121 -11.30 15.19 5.30
C VAL A 121 -11.15 15.81 3.93
N ASN A 122 -10.06 16.59 3.73
CA ASN A 122 -9.65 17.14 2.45
C ASN A 122 -8.38 16.39 2.08
N TYR A 123 -8.33 15.91 0.84
CA TYR A 123 -7.21 15.10 0.34
C TYR A 123 -7.05 15.39 -1.13
N LEU A 124 -5.85 15.83 -1.55
CA LEU A 124 -5.52 16.17 -2.93
C LEU A 124 -6.48 17.21 -3.52
N GLY A 125 -6.81 18.22 -2.73
CA GLY A 125 -7.68 19.33 -3.11
C GLY A 125 -9.16 19.01 -3.28
N GLU A 126 -9.64 17.90 -2.70
CA GLU A 126 -11.05 17.48 -2.80
CA GLU A 126 -11.05 17.47 -2.80
C GLU A 126 -11.53 16.90 -1.48
N LYS A 127 -12.85 16.95 -1.23
CA LYS A 127 -13.46 16.37 -0.05
C LYS A 127 -13.39 14.87 -0.23
N LYS A 128 -12.90 14.17 0.80
CA LYS A 128 -12.76 12.72 0.76
C LYS A 128 -13.41 12.09 1.97
N GLU A 129 -14.19 11.04 1.75
CA GLU A 129 -14.87 10.29 2.82
C GLU A 129 -14.22 8.93 3.05
N PHE A 130 -14.12 8.53 4.32
CA PHE A 130 -13.55 7.24 4.71
C PHE A 130 -14.34 6.61 5.84
N HIS A 131 -14.47 5.27 5.81
CA HIS A 131 -15.05 4.53 6.91
C HIS A 131 -13.87 4.36 7.86
N ALA A 132 -14.15 4.05 9.13
CA ALA A 132 -13.10 3.77 10.11
C ALA A 132 -12.20 2.60 9.68
N GLU A 133 -12.78 1.57 9.02
CA GLU A 133 -12.01 0.43 8.51
C GLU A 133 -11.09 0.79 7.35
N GLU A 134 -11.38 1.88 6.63
CA GLU A 134 -10.52 2.33 5.54
C GLU A 134 -9.29 3.03 6.12
N ILE A 135 -9.46 3.71 7.27
CA ILE A 135 -8.35 4.37 7.98
C ILE A 135 -7.47 3.26 8.58
N SER A 136 -8.08 2.29 9.30
CA SER A 136 -7.34 1.17 9.87
C SER A 136 -6.65 0.33 8.77
N ALA A 137 -7.25 0.26 7.56
CA ALA A 137 -6.67 -0.44 6.40
C ALA A 137 -5.34 0.19 5.97
N MET A 138 -5.22 1.53 6.08
CA MET A 138 -3.99 2.27 5.76
C MET A 138 -2.89 1.89 6.75
N VAL A 139 -3.24 1.78 8.04
CA VAL A 139 -2.32 1.37 9.09
C VAL A 139 -1.90 -0.09 8.86
N LEU A 140 -2.87 -0.98 8.56
CA LEU A 140 -2.58 -2.40 8.26
C LEU A 140 -1.72 -2.57 7.01
N GLN A 141 -1.95 -1.72 5.99
CA GLN A 141 -1.15 -1.74 4.75
C GLN A 141 0.32 -1.40 5.08
N LYS A 142 0.54 -0.41 5.96
CA LYS A 142 1.89 -0.01 6.40
C LYS A 142 2.58 -1.17 7.13
N MET A 143 1.81 -1.95 7.92
CA MET A 143 2.33 -3.11 8.66
C MET A 143 2.73 -4.21 7.69
N LYS A 144 1.95 -4.39 6.61
CA LYS A 144 2.19 -5.34 5.52
C LYS A 144 3.49 -4.93 4.77
N GLU A 145 3.69 -3.61 4.52
CA GLU A 145 4.86 -3.07 3.84
C GLU A 145 6.17 -3.29 4.58
N ILE A 146 6.24 -2.88 5.86
CA ILE A 146 7.45 -3.04 6.67
C ILE A 146 7.80 -4.53 6.84
N SER A 147 6.77 -5.40 6.94
CA SER A 147 6.96 -6.86 7.06
C SER A 147 7.53 -7.44 5.77
N GLU A 148 7.06 -6.95 4.62
CA GLU A 148 7.54 -7.37 3.31
C GLU A 148 8.97 -6.94 3.08
N ALA A 149 9.31 -5.71 3.49
CA ALA A 149 10.68 -5.18 3.41
C ALA A 149 11.59 -6.02 4.32
N TYR A 150 11.14 -6.29 5.56
CA TYR A 150 11.88 -7.06 6.55
C TYR A 150 12.12 -8.51 6.15
N LEU A 151 11.10 -9.18 5.60
CA LEU A 151 11.17 -10.58 5.17
C LEU A 151 11.69 -10.79 3.74
N GLY A 152 11.73 -9.71 2.95
CA GLY A 152 12.20 -9.76 1.57
C GLY A 152 11.30 -10.55 0.65
N ARG A 153 9.99 -10.56 0.95
CA ARG A 153 8.98 -11.26 0.17
C ARG A 153 7.58 -10.74 0.41
N GLN A 154 6.64 -11.10 -0.49
CA GLN A 154 5.20 -10.79 -0.43
C GLN A 154 4.56 -11.46 0.78
N ILE A 155 3.70 -10.72 1.48
CA ILE A 155 2.95 -11.19 2.64
C ILE A 155 1.47 -10.92 2.44
N LYS A 156 0.62 -11.92 2.77
CA LYS A 156 -0.82 -11.76 2.73
C LYS A 156 -1.46 -12.35 3.99
N ASN A 157 -1.03 -13.55 4.40
CA ASN A 157 -1.62 -14.23 5.56
C ASN A 157 -1.35 -13.53 6.87
N ALA A 158 -2.42 -13.25 7.63
CA ALA A 158 -2.30 -12.57 8.90
C ALA A 158 -3.35 -12.95 9.92
N VAL A 159 -2.99 -12.75 11.19
CA VAL A 159 -3.84 -12.82 12.37
C VAL A 159 -3.81 -11.38 12.90
N VAL A 160 -4.99 -10.80 13.10
CA VAL A 160 -5.14 -9.45 13.60
C VAL A 160 -5.85 -9.57 14.96
N THR A 161 -5.33 -8.88 15.98
CA THR A 161 -5.90 -8.94 17.31
C THR A 161 -6.91 -7.81 17.56
N VAL A 162 -7.82 -8.03 18.54
CA VAL A 162 -8.85 -7.06 18.96
C VAL A 162 -9.06 -7.17 20.48
N PRO A 163 -9.56 -6.13 21.18
CA PRO A 163 -9.87 -6.29 22.62
C PRO A 163 -10.94 -7.39 22.80
N ALA A 164 -10.87 -8.12 23.93
CA ALA A 164 -11.80 -9.22 24.24
C ALA A 164 -13.28 -8.78 24.25
N TYR A 165 -13.56 -7.51 24.59
CA TYR A 165 -14.90 -6.94 24.64
C TYR A 165 -15.48 -6.56 23.26
N PHE A 166 -14.67 -6.64 22.16
CA PHE A 166 -15.18 -6.29 20.82
C PHE A 166 -16.33 -7.21 20.41
N ASN A 167 -17.40 -6.62 19.86
CA ASN A 167 -18.56 -7.38 19.41
C ASN A 167 -18.32 -7.92 17.97
N ASP A 168 -19.33 -8.61 17.37
CA ASP A 168 -19.22 -9.17 16.03
C ASP A 168 -19.04 -8.13 14.93
N SER A 169 -19.69 -6.96 15.09
CA SER A 169 -19.60 -5.85 14.14
C SER A 169 -18.18 -5.25 14.11
N GLN A 170 -17.58 -5.05 15.30
CA GLN A 170 -16.21 -4.51 15.47
C GLN A 170 -15.16 -5.50 14.97
N ARG A 171 -15.39 -6.81 15.19
CA ARG A 171 -14.53 -7.91 14.73
C ARG A 171 -14.54 -7.98 13.21
N GLN A 172 -15.76 -7.95 12.60
CA GLN A 172 -15.95 -8.00 11.16
C GLN A 172 -15.35 -6.77 10.47
N ALA A 173 -15.52 -5.58 11.07
CA ALA A 173 -14.98 -4.34 10.50
C ALA A 173 -13.45 -4.34 10.53
N THR A 174 -12.83 -4.96 11.56
CA THR A 174 -11.37 -5.11 11.67
C THR A 174 -10.89 -6.07 10.58
N LYS A 175 -11.66 -7.15 10.31
CA LYS A 175 -11.36 -8.11 9.26
C LYS A 175 -11.44 -7.42 7.89
N ASP A 176 -12.45 -6.55 7.71
CA ASP A 176 -12.63 -5.77 6.48
C ASP A 176 -11.44 -4.83 6.26
N ALA A 177 -10.92 -4.20 7.33
CA ALA A 177 -9.72 -3.34 7.27
C ALA A 177 -8.52 -4.15 6.73
N GLY A 178 -8.42 -5.41 7.16
CA GLY A 178 -7.38 -6.33 6.71
C GLY A 178 -7.50 -6.61 5.22
N ALA A 179 -8.73 -6.94 4.78
CA ALA A 179 -9.06 -7.22 3.37
C ALA A 179 -8.76 -6.02 2.46
N ILE A 180 -9.13 -4.78 2.90
CA ILE A 180 -8.89 -3.53 2.16
C ILE A 180 -7.37 -3.30 1.99
N ALA A 181 -6.57 -3.72 2.99
CA ALA A 181 -5.10 -3.63 2.97
C ALA A 181 -4.44 -4.76 2.16
N GLY A 182 -5.25 -5.69 1.65
CA GLY A 182 -4.75 -6.82 0.87
C GLY A 182 -4.26 -7.98 1.71
N LEU A 183 -4.68 -8.02 2.97
CA LEU A 183 -4.31 -9.13 3.84
C LEU A 183 -5.39 -10.18 3.84
N ASN A 184 -4.97 -11.44 3.93
CA ASN A 184 -5.89 -12.56 4.09
C ASN A 184 -5.94 -12.76 5.60
N VAL A 185 -7.00 -12.25 6.25
CA VAL A 185 -7.13 -12.36 7.70
C VAL A 185 -7.63 -13.77 8.04
N MET A 186 -6.71 -14.65 8.44
CA MET A 186 -7.02 -16.04 8.78
C MET A 186 -7.89 -16.13 10.02
N ARG A 187 -7.68 -15.23 11.00
CA ARG A 187 -8.45 -15.18 12.24
C ARG A 187 -8.30 -13.84 12.95
N ILE A 188 -9.36 -13.43 13.63
CA ILE A 188 -9.38 -12.30 14.54
C ILE A 188 -9.33 -12.97 15.92
N ILE A 189 -8.30 -12.67 16.71
CA ILE A 189 -8.16 -13.24 18.05
C ILE A 189 -8.13 -12.12 19.10
N ASN A 190 -8.47 -12.43 20.36
CA ASN A 190 -8.46 -11.47 21.46
C ASN A 190 -7.03 -11.14 21.86
N GLU A 191 -6.79 -9.84 22.12
CA GLU A 191 -5.50 -9.31 22.57
C GLU A 191 -4.96 -10.00 23.84
N PRO A 192 -5.75 -10.19 24.94
CA PRO A 192 -5.19 -10.86 26.13
C PRO A 192 -4.77 -12.31 25.89
N THR A 193 -5.48 -13.01 25.00
CA THR A 193 -5.21 -14.39 24.59
C THR A 193 -3.88 -14.42 23.83
N ALA A 194 -3.66 -13.42 22.92
CA ALA A 194 -2.42 -13.30 22.15
C ALA A 194 -1.22 -13.14 23.09
N ALA A 195 -1.35 -12.29 24.13
CA ALA A 195 -0.30 -12.10 25.14
C ALA A 195 -0.01 -13.40 25.89
N ALA A 196 -1.07 -14.17 26.22
CA ALA A 196 -0.95 -15.46 26.93
C ALA A 196 -0.21 -16.47 26.02
N ILE A 197 -0.55 -16.47 24.71
CA ILE A 197 0.09 -17.32 23.69
C ILE A 197 1.58 -16.95 23.58
N ALA A 198 1.90 -15.63 23.59
CA ALA A 198 3.27 -15.12 23.51
C ALA A 198 4.18 -15.74 24.58
N TYR A 199 3.64 -15.92 25.81
CA TYR A 199 4.39 -16.48 26.92
C TYR A 199 4.29 -18.01 27.03
N GLY A 200 3.61 -18.66 26.09
CA GLY A 200 3.41 -20.12 26.11
C GLY A 200 2.71 -20.60 27.37
N LEU A 201 1.77 -19.78 27.87
CA LEU A 201 1.00 -20.06 29.09
C LEU A 201 0.03 -21.22 28.93
N ASP A 202 -0.19 -21.63 27.66
CA ASP A 202 -1.00 -22.77 27.24
C ASP A 202 -0.16 -24.04 27.20
N LYS A 203 0.97 -24.06 27.94
CA LYS A 203 1.91 -25.19 28.00
C LYS A 203 2.71 -25.17 29.29
N LYS A 204 2.43 -24.22 30.19
CA LYS A 204 3.22 -24.04 31.40
C LYS A 204 3.18 -25.11 32.48
N GLY A 205 2.00 -25.56 32.86
CA GLY A 205 1.89 -26.58 33.89
C GLY A 205 0.91 -27.69 33.60
N THR A 206 0.28 -28.20 34.66
CA THR A 206 -0.73 -29.25 34.65
C THR A 206 -2.05 -28.61 35.09
N GLY A 207 -3.16 -29.21 34.68
CA GLY A 207 -4.50 -28.74 35.01
C GLY A 207 -4.82 -27.36 34.49
N GLU A 208 -5.67 -26.65 35.24
CA GLU A 208 -6.18 -25.32 34.95
C GLU A 208 -5.17 -24.22 35.32
N ARG A 209 -4.99 -23.24 34.41
CA ARG A 209 -4.08 -22.11 34.63
C ARG A 209 -4.88 -20.81 34.59
N ASN A 210 -4.75 -19.99 35.64
CA ASN A 210 -5.42 -18.69 35.75
C ASN A 210 -4.44 -17.61 35.40
N VAL A 211 -4.79 -16.82 34.39
CA VAL A 211 -3.92 -15.78 33.86
C VAL A 211 -4.59 -14.42 33.90
N LEU A 212 -3.90 -13.44 34.48
CA LEU A 212 -4.37 -12.07 34.47
C LEU A 212 -3.50 -11.24 33.52
N ILE A 213 -4.15 -10.61 32.55
CA ILE A 213 -3.49 -9.72 31.58
C ILE A 213 -3.78 -8.30 32.04
N PHE A 214 -2.71 -7.57 32.39
CA PHE A 214 -2.78 -6.18 32.81
C PHE A 214 -2.25 -5.37 31.63
N ASP A 215 -3.15 -4.75 30.86
CA ASP A 215 -2.80 -4.02 29.62
C ASP A 215 -3.05 -2.51 29.69
N LEU A 216 -1.96 -1.73 29.77
CA LEU A 216 -2.02 -0.26 29.83
C LEU A 216 -1.20 0.32 28.68
N GLY A 217 -1.89 0.80 27.66
CA GLY A 217 -1.28 1.38 26.47
C GLY A 217 -1.29 2.90 26.44
N GLY A 218 -1.48 3.45 25.26
CA GLY A 218 -1.49 4.89 25.02
C GLY A 218 -2.81 5.56 25.37
N GLY A 219 -3.92 4.91 25.02
CA GLY A 219 -5.25 5.47 25.27
C GLY A 219 -6.18 4.64 26.12
N THR A 220 -5.91 3.32 26.25
CA THR A 220 -6.80 2.42 26.99
C THR A 220 -6.12 1.60 28.06
N PHE A 221 -6.95 1.09 28.97
CA PHE A 221 -6.56 0.22 30.06
C PHE A 221 -7.51 -0.98 30.07
N ASP A 222 -6.95 -2.17 29.83
CA ASP A 222 -7.71 -3.41 29.79
C ASP A 222 -7.13 -4.45 30.72
N VAL A 223 -7.99 -5.00 31.57
CA VAL A 223 -7.64 -6.07 32.50
C VAL A 223 -8.50 -7.24 32.09
N SER A 224 -7.86 -8.39 31.84
CA SER A 224 -8.58 -9.58 31.45
C SER A 224 -8.14 -10.74 32.28
N LEU A 225 -9.10 -11.58 32.67
CA LEU A 225 -8.83 -12.78 33.43
C LEU A 225 -9.20 -13.97 32.56
N LEU A 226 -8.20 -14.80 32.27
CA LEU A 226 -8.40 -15.98 31.44
C LEU A 226 -8.11 -17.26 32.19
N THR A 227 -8.69 -18.34 31.70
CA THR A 227 -8.47 -19.70 32.19
C THR A 227 -7.96 -20.52 31.01
N ILE A 228 -6.91 -21.33 31.23
CA ILE A 228 -6.34 -22.22 30.24
C ILE A 228 -6.35 -23.65 30.77
N GLU A 229 -6.83 -24.59 29.96
CA GLU A 229 -6.86 -26.02 30.27
C GLU A 229 -6.71 -26.78 28.97
N ASP A 230 -5.63 -27.58 28.88
CA ASP A 230 -5.29 -28.39 27.71
C ASP A 230 -5.23 -27.59 26.38
N GLY A 231 -4.66 -26.39 26.46
CA GLY A 231 -4.50 -25.49 25.32
C GLY A 231 -5.73 -24.71 24.92
N ILE A 232 -6.86 -24.89 25.62
CA ILE A 232 -8.11 -24.16 25.34
C ILE A 232 -8.20 -22.94 26.27
N PHE A 233 -8.31 -21.72 25.69
CA PHE A 233 -8.39 -20.43 26.38
C PHE A 233 -9.83 -20.02 26.58
N GLU A 234 -10.12 -19.45 27.76
CA GLU A 234 -11.45 -18.94 28.06
C GLU A 234 -11.33 -17.60 28.78
N VAL A 235 -11.91 -16.55 28.19
CA VAL A 235 -11.92 -15.22 28.80
C VAL A 235 -13.06 -15.29 29.83
N LYS A 236 -12.71 -15.22 31.10
CA LYS A 236 -13.69 -15.33 32.20
C LYS A 236 -14.30 -13.99 32.57
N ALA A 237 -13.46 -12.93 32.66
CA ALA A 237 -13.87 -11.59 33.03
C ALA A 237 -12.95 -10.54 32.40
N THR A 238 -13.52 -9.36 32.08
CA THR A 238 -12.82 -8.20 31.51
C THR A 238 -13.29 -6.93 32.21
N ALA A 239 -12.36 -6.00 32.42
CA ALA A 239 -12.64 -4.72 33.04
C ALA A 239 -11.56 -3.73 32.62
N GLY A 240 -11.86 -2.44 32.76
CA GLY A 240 -10.92 -1.40 32.44
C GLY A 240 -11.54 -0.06 32.16
N ASP A 241 -10.76 0.79 31.46
CA ASP A 241 -11.16 2.15 31.14
C ASP A 241 -10.60 2.48 29.77
N THR A 242 -11.51 2.75 28.81
CA THR A 242 -11.17 3.11 27.43
C THR A 242 -10.58 4.53 27.32
N HIS A 243 -10.56 5.30 28.42
CA HIS A 243 -10.02 6.66 28.46
C HIS A 243 -8.96 6.83 29.57
N LEU A 244 -8.07 5.83 29.67
CA LEU A 244 -6.96 5.83 30.62
C LEU A 244 -5.75 5.17 29.98
N GLY A 245 -4.73 5.97 29.68
CA GLY A 245 -3.50 5.51 29.07
C GLY A 245 -2.37 6.52 29.17
N GLY A 246 -1.25 6.22 28.51
CA GLY A 246 -0.06 7.06 28.47
C GLY A 246 -0.27 8.51 28.05
N GLU A 247 -1.27 8.74 27.18
CA GLU A 247 -1.64 10.08 26.68
C GLU A 247 -2.11 10.98 27.83
N ASP A 248 -2.90 10.41 28.76
CA ASP A 248 -3.42 11.10 29.96
C ASP A 248 -2.30 11.45 30.93
N PHE A 249 -1.23 10.63 30.97
CA PHE A 249 -0.06 10.90 31.82
C PHE A 249 0.73 12.06 31.23
N ASP A 250 0.87 12.11 29.88
CA ASP A 250 1.52 13.21 29.17
C ASP A 250 0.77 14.52 29.46
N ASN A 251 -0.60 14.47 29.40
CA ASN A 251 -1.50 15.59 29.67
C ASN A 251 -1.18 16.22 31.02
N ARG A 252 -0.94 15.38 32.07
CA ARG A 252 -0.57 15.80 33.42
C ARG A 252 0.79 16.51 33.44
N LEU A 253 1.79 16.01 32.66
CA LEU A 253 3.11 16.64 32.59
C LEU A 253 2.99 17.97 31.85
N VAL A 254 2.25 18.00 30.72
CA VAL A 254 1.99 19.17 29.89
C VAL A 254 1.35 20.27 30.74
N GLU A 255 0.27 19.91 31.49
N GLU A 255 0.28 19.92 31.49
CA GLU A 255 -0.46 20.80 32.39
CA GLU A 255 -0.44 20.86 32.37
C GLU A 255 0.48 21.43 33.42
C GLU A 255 0.49 21.45 33.44
N PHE A 256 1.39 20.62 34.00
CA PHE A 256 2.36 21.05 35.00
C PHE A 256 3.29 22.11 34.40
N CYS A 257 3.84 21.83 33.20
CA CYS A 257 4.74 22.74 32.49
C CYS A 257 4.04 24.02 32.02
N VAL A 258 2.76 23.92 31.61
CA VAL A 258 1.97 25.07 31.16
C VAL A 258 1.80 26.05 32.33
N GLN A 259 1.48 25.51 33.54
CA GLN A 259 1.33 26.29 34.76
C GLN A 259 2.66 26.85 35.23
N ASP A 260 3.74 26.07 35.10
CA ASP A 260 5.09 26.49 35.48
C ASP A 260 5.54 27.65 34.58
N PHE A 261 5.19 27.65 33.27
CA PHE A 261 5.53 28.74 32.36
C PHE A 261 4.74 30.00 32.74
N LYS A 262 3.45 29.84 33.11
CA LYS A 262 2.56 30.93 33.56
C LYS A 262 3.16 31.67 34.75
N ARG A 263 3.52 30.94 35.83
CA ARG A 263 4.10 31.59 37.01
C ARG A 263 5.49 32.17 36.81
N LYS A 264 6.30 31.57 35.92
CA LYS A 264 7.63 32.09 35.57
C LYS A 264 7.50 33.32 34.66
N ASN A 265 6.38 33.45 33.91
CA ASN A 265 6.21 34.52 32.92
C ASN A 265 4.91 35.34 32.98
N ARG A 266 4.56 35.84 34.17
CA ARG A 266 3.40 36.72 34.40
C ARG A 266 2.05 36.24 33.79
N GLY A 267 1.76 34.95 33.95
CA GLY A 267 0.53 34.32 33.49
C GLY A 267 0.39 34.08 31.99
N MET A 268 1.52 34.13 31.25
CA MET A 268 1.52 33.90 29.79
C MET A 268 1.11 32.46 29.46
N ASP A 269 0.16 32.31 28.51
CA ASP A 269 -0.43 31.03 28.12
C ASP A 269 0.05 30.53 26.74
N LEU A 270 1.02 29.60 26.75
CA LEU A 270 1.61 28.99 25.55
C LEU A 270 0.65 28.10 24.74
N THR A 271 -0.50 27.70 25.34
CA THR A 271 -1.51 26.85 24.69
C THR A 271 -2.20 27.53 23.50
N THR A 272 -2.07 28.87 23.39
CA THR A 272 -2.62 29.68 22.29
C THR A 272 -1.83 29.44 20.99
N ASN A 273 -0.59 28.94 21.12
CA ASN A 273 0.31 28.62 20.00
C ASN A 273 0.44 27.10 19.88
N ALA A 274 -0.18 26.51 18.83
CA ALA A 274 -0.19 25.07 18.54
C ALA A 274 1.22 24.47 18.42
N ARG A 275 2.15 25.17 17.74
CA ARG A 275 3.56 24.74 17.58
C ARG A 275 4.29 24.68 18.91
N ALA A 276 4.15 25.72 19.76
CA ALA A 276 4.79 25.79 21.09
C ALA A 276 4.30 24.65 22.00
N LEU A 277 2.97 24.43 22.03
CA LEU A 277 2.34 23.38 22.83
C LEU A 277 2.78 22.00 22.35
N ARG A 278 2.92 21.85 21.02
CA ARG A 278 3.35 20.59 20.40
C ARG A 278 4.81 20.29 20.78
N ARG A 279 5.70 21.30 20.78
CA ARG A 279 7.10 21.16 21.19
C ARG A 279 7.16 20.73 22.66
N LEU A 280 6.32 21.34 23.51
CA LEU A 280 6.25 21.00 24.94
C LEU A 280 5.75 19.55 25.13
N ARG A 281 4.64 19.19 24.46
CA ARG A 281 4.03 17.86 24.53
C ARG A 281 4.99 16.76 24.08
N THR A 282 5.75 17.01 23.00
CA THR A 282 6.75 16.09 22.44
C THR A 282 7.83 15.81 23.50
N GLN A 283 8.24 16.87 24.23
CA GLN A 283 9.27 16.77 25.25
C GLN A 283 8.74 16.17 26.55
N CYS A 284 7.44 16.34 26.84
CA CYS A 284 6.82 15.75 28.03
C CYS A 284 6.74 14.22 27.86
N GLU A 285 6.38 13.76 26.63
CA GLU A 285 6.34 12.36 26.22
C GLU A 285 7.72 11.71 26.41
N ARG A 286 8.78 12.40 25.91
CA ARG A 286 10.15 11.90 26.03
CA ARG A 286 10.18 11.97 26.02
C ARG A 286 10.63 11.91 27.47
N ALA A 287 10.26 12.94 28.26
CA ALA A 287 10.61 13.05 29.68
C ALA A 287 10.00 11.88 30.47
N LYS A 288 8.72 11.55 30.18
CA LYS A 288 7.98 10.43 30.79
C LYS A 288 8.72 9.11 30.53
N ARG A 289 9.12 8.86 29.27
CA ARG A 289 9.87 7.66 28.87
C ARG A 289 11.22 7.60 29.59
N THR A 290 11.94 8.74 29.69
CA THR A 290 13.23 8.83 30.41
C THR A 290 13.05 8.45 31.89
N LEU A 291 11.91 8.85 32.47
CA LEU A 291 11.58 8.58 33.87
C LEU A 291 11.27 7.12 34.21
N SER A 292 11.23 6.24 33.20
CA SER A 292 11.02 4.81 33.39
C SER A 292 12.37 4.12 33.63
N SER A 293 13.49 4.78 33.25
CA SER A 293 14.87 4.29 33.42
C SER A 293 15.76 5.19 34.29
N SER A 294 15.41 6.48 34.41
N SER A 294 15.41 6.48 34.41
CA SER A 294 16.14 7.48 35.18
CA SER A 294 16.13 7.48 35.20
C SER A 294 15.20 8.12 36.22
C SER A 294 15.20 8.09 36.25
N THR A 295 15.79 8.71 37.29
CA THR A 295 15.01 9.38 38.36
C THR A 295 14.81 10.87 38.05
N GLN A 296 15.54 11.38 37.05
CA GLN A 296 15.50 12.78 36.61
C GLN A 296 15.38 12.90 35.09
N ALA A 297 14.53 13.84 34.64
CA ALA A 297 14.32 14.17 33.23
C ALA A 297 14.40 15.68 33.07
N THR A 298 14.91 16.14 31.92
CA THR A 298 15.08 17.57 31.67
C THR A 298 14.34 18.02 30.43
N ILE A 299 13.59 19.11 30.58
CA ILE A 299 12.93 19.75 29.46
C ILE A 299 13.67 21.08 29.31
N GLU A 300 14.19 21.35 28.10
CA GLU A 300 14.85 22.61 27.80
C GLU A 300 14.52 23.02 26.37
N LEU A 301 13.69 24.04 26.26
CA LEU A 301 13.19 24.52 24.98
C LEU A 301 13.45 26.00 24.81
N ASP A 302 14.36 26.34 23.89
CA ASP A 302 14.70 27.72 23.57
C ASP A 302 13.53 28.34 22.80
N SER A 303 13.31 29.66 22.99
CA SER A 303 12.31 30.46 22.28
C SER A 303 10.96 29.72 22.12
N LEU A 304 10.45 29.15 23.23
CA LEU A 304 9.21 28.36 23.25
C LEU A 304 7.98 29.20 22.89
N TYR A 305 7.78 30.32 23.59
CA TYR A 305 6.61 31.18 23.40
C TYR A 305 7.00 32.63 23.56
N GLU A 306 6.74 33.45 22.53
CA GLU A 306 7.04 34.89 22.44
C GLU A 306 8.54 35.14 22.67
N GLY A 307 9.36 34.23 22.12
CA GLY A 307 10.82 34.28 22.23
C GLY A 307 11.38 33.91 23.59
N ILE A 308 10.50 33.57 24.56
CA ILE A 308 10.87 33.19 25.93
C ILE A 308 11.33 31.73 26.00
N ASP A 309 12.54 31.50 26.52
CA ASP A 309 13.14 30.18 26.74
C ASP A 309 12.48 29.51 27.93
N TYR A 310 12.34 28.17 27.86
CA TYR A 310 11.75 27.40 28.94
C TYR A 310 12.56 26.17 29.30
N SER A 311 12.78 25.95 30.59
CA SER A 311 13.45 24.76 31.07
C SER A 311 12.94 24.35 32.44
N VAL A 312 12.90 23.04 32.70
CA VAL A 312 12.45 22.47 33.95
C VAL A 312 13.07 21.09 34.19
N ALA A 313 13.35 20.79 35.44
CA ALA A 313 13.84 19.49 35.87
C ALA A 313 12.64 18.74 36.43
N ILE A 314 12.32 17.58 35.84
CA ILE A 314 11.20 16.74 36.27
C ILE A 314 11.75 15.44 36.84
N SER A 315 11.47 15.21 38.12
CA SER A 315 11.90 14.00 38.82
C SER A 315 10.83 12.91 38.66
N ARG A 316 11.21 11.64 38.87
CA ARG A 316 10.31 10.47 38.81
C ARG A 316 9.21 10.64 39.87
N ALA A 317 9.59 11.11 41.08
CA ALA A 317 8.68 11.37 42.21
C ALA A 317 7.61 12.38 41.80
N ARG A 318 8.01 13.48 41.15
CA ARG A 318 7.11 14.51 40.66
C ARG A 318 6.12 13.94 39.64
N PHE A 319 6.62 13.16 38.65
CA PHE A 319 5.76 12.51 37.64
C PHE A 319 4.75 11.57 38.32
N GLU A 320 5.22 10.71 39.25
CA GLU A 320 4.39 9.79 40.04
C GLU A 320 3.32 10.53 40.83
N GLU A 321 3.71 11.67 41.45
CA GLU A 321 2.80 12.55 42.20
C GLU A 321 1.74 13.14 41.28
N LEU A 322 2.13 13.58 40.06
CA LEU A 322 1.20 14.17 39.08
C LEU A 322 0.14 13.19 38.56
N CYS A 323 0.48 11.87 38.51
CA CYS A 323 -0.43 10.80 38.02
C CYS A 323 -0.85 9.83 39.15
N ALA A 324 -0.70 10.25 40.42
CA ALA A 324 -1.01 9.44 41.62
C ALA A 324 -2.39 8.78 41.60
N ASP A 325 -3.43 9.54 41.20
CA ASP A 325 -4.83 9.09 41.10
C ASP A 325 -4.99 8.06 39.98
N TYR A 326 -4.37 8.31 38.80
CA TYR A 326 -4.44 7.40 37.64
C TYR A 326 -3.83 6.05 37.94
N PHE A 327 -2.62 6.04 38.54
CA PHE A 327 -1.90 4.82 38.85
C PHE A 327 -2.64 3.94 39.87
N ARG A 328 -3.30 4.58 40.86
CA ARG A 328 -4.13 3.92 41.89
C ARG A 328 -5.40 3.33 41.27
N ALA A 329 -6.05 4.06 40.34
CA ALA A 329 -7.28 3.65 39.63
C ALA A 329 -7.09 2.40 38.75
N THR A 330 -5.83 1.98 38.49
CA THR A 330 -5.57 0.77 37.70
C THR A 330 -5.89 -0.49 38.50
N LEU A 331 -5.84 -0.40 39.85
CA LEU A 331 -6.13 -1.55 40.71
C LEU A 331 -7.60 -1.96 40.84
N ALA A 332 -8.54 -1.01 40.67
CA ALA A 332 -9.99 -1.30 40.73
C ALA A 332 -10.42 -2.32 39.65
N PRO A 333 -10.10 -2.18 38.33
CA PRO A 333 -10.47 -3.23 37.37
C PRO A 333 -9.85 -4.61 37.62
N VAL A 334 -8.72 -4.67 38.35
CA VAL A 334 -8.07 -5.93 38.74
C VAL A 334 -8.97 -6.61 39.77
N GLU A 335 -9.56 -5.79 40.67
CA GLU A 335 -10.50 -6.26 41.69
C GLU A 335 -11.82 -6.67 41.03
N LYS A 336 -12.27 -5.90 40.01
CA LYS A 336 -13.51 -6.17 39.26
C LYS A 336 -13.46 -7.52 38.53
N VAL A 337 -12.31 -7.88 37.87
CA VAL A 337 -12.21 -9.16 37.16
C VAL A 337 -12.19 -10.35 38.12
N LEU A 338 -11.47 -10.21 39.24
CA LEU A 338 -11.38 -11.27 40.26
C LEU A 338 -12.74 -11.48 40.93
N LYS A 339 -13.46 -10.38 41.26
CA LYS A 339 -14.80 -10.45 41.85
C LYS A 339 -15.80 -11.09 40.89
N ASP A 340 -15.88 -10.59 39.64
CA ASP A 340 -16.79 -11.10 38.58
C ASP A 340 -16.66 -12.59 38.35
N ALA A 341 -15.43 -13.12 38.42
CA ALA A 341 -15.15 -14.55 38.23
C ALA A 341 -15.20 -15.33 39.56
N GLY A 342 -15.39 -14.62 40.66
CA GLY A 342 -15.41 -15.21 42.00
C GLY A 342 -14.08 -15.88 42.28
N MET A 343 -13.00 -15.13 42.07
CA MET A 343 -11.63 -15.63 42.20
C MET A 343 -10.82 -14.72 43.11
N ASP A 344 -9.93 -15.33 43.88
CA ASP A 344 -9.04 -14.64 44.79
C ASP A 344 -7.76 -14.33 44.03
N LYS A 345 -7.07 -13.23 44.38
CA LYS A 345 -5.82 -12.83 43.74
C LYS A 345 -4.71 -13.88 43.81
N ARG A 346 -4.69 -14.66 44.91
CA ARG A 346 -3.72 -15.74 45.13
C ARG A 346 -3.90 -16.91 44.16
N SER A 347 -5.10 -17.00 43.52
CA SER A 347 -5.44 -18.05 42.55
C SER A 347 -4.82 -17.80 41.16
N VAL A 348 -4.35 -16.55 40.90
CA VAL A 348 -3.72 -16.16 39.62
C VAL A 348 -2.33 -16.79 39.54
N HIS A 349 -2.06 -17.58 38.50
CA HIS A 349 -0.76 -18.23 38.29
C HIS A 349 0.21 -17.33 37.53
N ASP A 350 -0.31 -16.51 36.62
CA ASP A 350 0.52 -15.59 35.82
C ASP A 350 -0.11 -14.22 35.73
N VAL A 351 0.69 -13.20 36.02
CA VAL A 351 0.31 -11.81 35.90
C VAL A 351 1.14 -11.30 34.72
N VAL A 352 0.47 -10.95 33.61
CA VAL A 352 1.17 -10.51 32.39
C VAL A 352 1.10 -9.01 32.16
N LEU A 353 2.28 -8.38 32.05
CA LEU A 353 2.39 -6.94 31.77
C LEU A 353 2.40 -6.71 30.28
N VAL A 354 1.38 -6.01 29.77
CA VAL A 354 1.18 -5.69 28.35
C VAL A 354 0.94 -4.18 28.24
N GLY A 355 1.33 -3.58 27.13
CA GLY A 355 1.15 -2.16 26.89
C GLY A 355 2.36 -1.37 27.30
N GLY A 356 2.73 -0.39 26.49
CA GLY A 356 3.91 0.44 26.69
C GLY A 356 3.97 1.15 28.04
N SER A 357 2.81 1.55 28.60
CA SER A 357 2.74 2.24 29.89
C SER A 357 3.07 1.33 31.10
N THR A 358 3.18 0.00 30.91
CA THR A 358 3.57 -0.90 32.00
C THR A 358 5.08 -0.83 32.25
N ARG A 359 5.80 -0.03 31.45
N ARG A 359 5.80 -0.03 31.45
CA ARG A 359 7.23 0.19 31.62
CA ARG A 359 7.23 0.20 31.60
C ARG A 359 7.48 1.14 32.80
C ARG A 359 7.49 1.17 32.76
N ILE A 360 6.45 1.89 33.22
CA ILE A 360 6.51 2.86 34.33
C ILE A 360 6.76 2.11 35.66
N PRO A 361 7.92 2.35 36.33
CA PRO A 361 8.23 1.65 37.59
C PRO A 361 7.12 1.66 38.65
N LYS A 362 6.43 2.80 38.86
CA LYS A 362 5.33 2.90 39.83
C LYS A 362 4.16 1.99 39.51
N VAL A 363 3.78 1.87 38.21
CA VAL A 363 2.72 0.96 37.77
C VAL A 363 3.12 -0.49 38.08
N GLN A 364 4.40 -0.86 37.82
CA GLN A 364 4.93 -2.20 38.11
C GLN A 364 4.90 -2.51 39.60
N ALA A 365 5.34 -1.54 40.44
CA ALA A 365 5.41 -1.65 41.90
C ALA A 365 4.02 -1.82 42.52
N LEU A 366 3.02 -1.11 42.01
CA LEU A 366 1.64 -1.17 42.48
C LEU A 366 0.99 -2.53 42.18
N ILE A 367 1.22 -3.12 40.99
CA ILE A 367 0.65 -4.43 40.64
C ILE A 367 1.31 -5.52 41.46
N GLN A 368 2.67 -5.47 41.56
CA GLN A 368 3.45 -6.45 42.32
C GLN A 368 3.08 -6.41 43.81
N GLU A 369 2.86 -5.20 44.37
CA GLU A 369 2.44 -5.03 45.77
C GLU A 369 1.06 -5.67 45.95
N PHE A 370 0.13 -5.41 45.00
CA PHE A 370 -1.22 -5.98 45.01
C PHE A 370 -1.18 -7.49 44.99
N PHE A 371 -0.27 -8.09 44.19
CA PHE A 371 -0.09 -9.54 44.09
C PHE A 371 0.89 -10.11 45.12
N ASN A 372 1.12 -9.37 46.22
CA ASN A 372 1.98 -9.72 47.35
C ASN A 372 3.40 -10.15 46.99
N GLY A 373 4.04 -9.37 46.11
CA GLY A 373 5.42 -9.60 45.69
C GLY A 373 5.64 -10.58 44.56
N LYS A 374 4.55 -11.10 43.97
CA LYS A 374 4.62 -12.05 42.85
C LYS A 374 5.29 -11.40 41.64
N GLU A 375 6.32 -12.05 41.08
CA GLU A 375 7.04 -11.56 39.90
C GLU A 375 6.15 -11.69 38.65
N PRO A 376 5.93 -10.61 37.88
CA PRO A 376 5.10 -10.74 36.66
C PRO A 376 5.83 -11.29 35.45
N CYS A 377 5.06 -11.64 34.39
CA CYS A 377 5.60 -12.04 33.09
C CYS A 377 5.85 -10.73 32.37
N LYS A 378 7.14 -10.40 32.19
CA LYS A 378 7.55 -9.14 31.55
C LYS A 378 8.80 -9.29 30.64
N ALA A 379 9.27 -10.53 30.37
CA ALA A 379 10.43 -10.79 29.52
C ALA A 379 10.24 -10.30 28.07
N ILE A 380 8.99 -10.33 27.57
CA ILE A 380 8.69 -9.83 26.23
C ILE A 380 8.33 -8.35 26.38
N ASN A 381 8.88 -7.48 25.49
CA ASN A 381 8.58 -6.05 25.46
C ASN A 381 7.06 -5.90 25.53
N PRO A 382 6.54 -5.17 26.55
CA PRO A 382 5.09 -5.14 26.77
C PRO A 382 4.22 -4.64 25.63
N ASP A 383 4.76 -3.74 24.80
CA ASP A 383 4.06 -3.20 23.64
C ASP A 383 4.25 -4.07 22.40
N GLU A 384 4.95 -5.22 22.55
CA GLU A 384 5.23 -6.16 21.47
C GLU A 384 4.62 -7.54 21.70
N ALA A 385 4.22 -7.86 22.94
CA ALA A 385 3.67 -9.16 23.34
C ALA A 385 2.45 -9.63 22.57
N VAL A 386 1.51 -8.72 22.32
CA VAL A 386 0.27 -9.02 21.58
C VAL A 386 0.60 -9.43 20.12
N ALA A 387 1.49 -8.67 19.46
CA ALA A 387 1.94 -8.95 18.09
C ALA A 387 2.72 -10.27 18.06
N TYR A 388 3.55 -10.51 19.10
CA TYR A 388 4.36 -11.74 19.24
C TYR A 388 3.39 -12.94 19.28
N GLY A 389 2.38 -12.87 20.16
CA GLY A 389 1.36 -13.92 20.31
C GLY A 389 0.54 -14.15 19.06
N ALA A 390 0.17 -13.04 18.38
CA ALA A 390 -0.59 -13.10 17.11
C ALA A 390 0.24 -13.79 16.03
N ALA A 391 1.57 -13.59 16.04
CA ALA A 391 2.49 -14.19 15.07
C ALA A 391 2.62 -15.71 15.29
N VAL A 392 2.63 -16.14 16.57
CA VAL A 392 2.68 -17.56 16.94
C VAL A 392 1.39 -18.23 16.43
N GLN A 393 0.21 -17.62 16.73
CA GLN A 393 -1.08 -18.13 16.26
C GLN A 393 -1.12 -18.19 14.72
N ALA A 394 -0.59 -17.17 14.03
CA ALA A 394 -0.57 -17.08 12.56
C ALA A 394 0.19 -18.23 11.94
N ALA A 395 1.34 -18.59 12.55
CA ALA A 395 2.21 -19.69 12.11
C ALA A 395 1.46 -21.02 12.24
N ILE A 396 0.76 -21.26 13.37
CA ILE A 396 -0.04 -22.47 13.61
C ILE A 396 -1.08 -22.60 12.49
N LEU A 397 -1.88 -21.53 12.27
CA LEU A 397 -2.94 -21.47 11.27
C LEU A 397 -2.43 -21.60 9.84
N ASN A 398 -1.20 -21.10 9.57
CA ASN A 398 -0.56 -21.16 8.26
C ASN A 398 0.02 -22.56 7.97
N GLY A 399 0.11 -23.39 9.01
CA GLY A 399 0.65 -24.73 8.94
C GLY A 399 2.16 -24.74 8.95
N GLY B 19 16.23 7.44 1.17
CA GLY B 19 16.41 6.04 0.78
C GLY B 19 16.60 5.84 -0.71
N PRO B 20 16.53 4.59 -1.21
CA PRO B 20 16.70 4.36 -2.67
C PRO B 20 15.48 4.75 -3.50
N ALA B 21 15.74 5.14 -4.75
CA ALA B 21 14.72 5.57 -5.68
C ALA B 21 14.50 4.54 -6.78
N ILE B 22 13.24 4.39 -7.20
CA ILE B 22 12.83 3.42 -8.23
C ILE B 22 12.31 4.13 -9.48
N GLY B 23 12.35 3.43 -10.59
CA GLY B 23 11.84 3.92 -11.86
C GLY B 23 10.69 3.03 -12.27
N ILE B 24 9.51 3.63 -12.49
CA ILE B 24 8.30 2.87 -12.85
C ILE B 24 7.73 3.21 -14.21
N ASP B 25 7.60 2.19 -15.04
CA ASP B 25 6.93 2.30 -16.32
C ASP B 25 5.49 1.85 -16.02
N LEU B 26 4.57 2.81 -15.94
CA LEU B 26 3.16 2.53 -15.68
C LEU B 26 2.48 2.39 -17.05
N GLY B 27 2.50 1.18 -17.58
CA GLY B 27 1.97 0.88 -18.91
C GLY B 27 0.47 0.70 -18.95
N THR B 28 -0.10 0.76 -20.17
CA THR B 28 -1.54 0.58 -20.39
C THR B 28 -1.92 -0.84 -20.03
N THR B 29 -1.07 -1.80 -20.43
CA THR B 29 -1.30 -3.23 -20.22
C THR B 29 -0.37 -3.87 -19.18
N TYR B 30 0.92 -3.46 -19.17
CA TYR B 30 1.91 -3.99 -18.23
C TYR B 30 2.74 -2.91 -17.56
N SER B 31 3.03 -3.10 -16.27
CA SER B 31 3.86 -2.19 -15.50
C SER B 31 5.20 -2.87 -15.17
N CYS B 32 6.27 -2.09 -15.05
CA CYS B 32 7.63 -2.57 -14.84
C CYS B 32 8.37 -1.60 -13.93
N VAL B 33 9.16 -2.13 -12.95
CA VAL B 33 9.98 -1.32 -12.02
C VAL B 33 11.45 -1.65 -12.21
N GLY B 34 12.25 -0.60 -12.31
CA GLY B 34 13.69 -0.67 -12.37
C GLY B 34 14.28 0.04 -11.16
N VAL B 35 15.48 -0.39 -10.76
CA VAL B 35 16.22 0.20 -9.64
C VAL B 35 17.73 0.21 -9.93
N TRP B 36 18.31 1.41 -9.97
CA TRP B 36 19.74 1.59 -10.20
C TRP B 36 20.44 1.34 -8.89
N ARG B 37 21.48 0.51 -8.92
CA ARG B 37 22.29 0.22 -7.75
C ARG B 37 23.70 -0.08 -8.18
N ASN B 38 24.66 0.61 -7.57
CA ASN B 38 26.08 0.41 -7.75
C ASN B 38 26.50 0.28 -9.22
N ASP B 39 26.16 1.29 -10.03
CA ASP B 39 26.52 1.39 -11.45
C ASP B 39 25.78 0.46 -12.41
N THR B 40 24.70 -0.24 -11.96
CA THR B 40 23.90 -1.17 -12.79
C THR B 40 22.41 -1.06 -12.49
N VAL B 41 21.57 -1.51 -13.42
CA VAL B 41 20.13 -1.42 -13.21
C VAL B 41 19.57 -2.82 -13.02
N ASP B 42 18.71 -2.99 -12.00
CA ASP B 42 18.01 -4.26 -11.74
C ASP B 42 16.54 -4.08 -12.10
N ILE B 43 15.98 -5.05 -12.82
CA ILE B 43 14.54 -5.04 -13.10
C ILE B 43 13.90 -5.91 -12.03
N VAL B 44 12.94 -5.35 -11.29
CA VAL B 44 12.31 -6.00 -10.17
C VAL B 44 11.35 -7.14 -10.54
N PRO B 45 11.62 -8.37 -10.06
CA PRO B 45 10.66 -9.46 -10.29
C PRO B 45 9.44 -9.30 -9.37
N ASN B 46 8.26 -9.75 -9.82
CA ASN B 46 7.08 -9.71 -8.98
C ASN B 46 7.03 -10.99 -8.12
N ASP B 47 5.87 -11.31 -7.50
CA ASP B 47 5.71 -12.49 -6.64
C ASP B 47 5.96 -13.80 -7.40
N GLN B 48 5.56 -13.85 -8.68
CA GLN B 48 5.72 -14.99 -9.60
C GLN B 48 7.14 -15.06 -10.17
N GLY B 49 7.93 -14.00 -9.98
CA GLY B 49 9.27 -13.87 -10.54
C GLY B 49 9.28 -13.21 -11.90
N ASN B 50 8.13 -12.65 -12.32
CA ASN B 50 7.97 -11.96 -13.61
C ASN B 50 8.42 -10.50 -13.54
N ARG B 51 9.17 -10.07 -14.56
CA ARG B 51 9.73 -8.73 -14.68
C ARG B 51 8.75 -7.62 -15.11
N THR B 52 7.56 -7.97 -15.67
CA THR B 52 6.44 -7.06 -16.00
C THR B 52 5.18 -7.61 -15.32
N THR B 53 4.28 -6.72 -14.88
CA THR B 53 3.05 -7.07 -14.17
C THR B 53 1.84 -6.51 -14.91
N PRO B 54 0.79 -7.32 -15.17
CA PRO B 54 -0.42 -6.77 -15.82
C PRO B 54 -0.99 -5.57 -15.06
N SER B 55 -1.34 -4.48 -15.78
CA SER B 55 -1.94 -3.29 -15.15
C SER B 55 -3.45 -3.55 -14.93
N TYR B 56 -3.74 -4.57 -14.10
CA TYR B 56 -5.08 -5.04 -13.77
C TYR B 56 -5.34 -5.02 -12.28
N VAL B 57 -6.59 -4.70 -11.91
CA VAL B 57 -7.10 -4.72 -10.54
C VAL B 57 -8.48 -5.40 -10.60
N ALA B 58 -8.86 -6.12 -9.54
CA ALA B 58 -10.15 -6.80 -9.46
C ALA B 58 -10.71 -6.72 -8.06
N PHE B 59 -12.03 -6.61 -7.96
CA PHE B 59 -12.75 -6.52 -6.69
C PHE B 59 -13.73 -7.67 -6.60
N THR B 60 -13.73 -8.34 -5.44
CA THR B 60 -14.63 -9.46 -5.17
C THR B 60 -15.39 -9.15 -3.89
N GLU B 61 -16.26 -10.08 -3.47
CA GLU B 61 -17.04 -9.93 -2.23
C GLU B 61 -16.15 -10.07 -0.99
N THR B 62 -14.90 -10.62 -1.17
CA THR B 62 -13.98 -10.84 -0.05
C THR B 62 -12.56 -10.24 -0.16
N GLU B 63 -12.14 -9.82 -1.37
CA GLU B 63 -10.77 -9.32 -1.56
C GLU B 63 -10.59 -8.42 -2.78
N ARG B 64 -9.40 -7.80 -2.90
CA ARG B 64 -8.99 -7.03 -4.08
C ARG B 64 -7.73 -7.69 -4.61
N LEU B 65 -7.67 -7.84 -5.93
CA LEU B 65 -6.55 -8.52 -6.58
C LEU B 65 -5.84 -7.56 -7.51
N ILE B 66 -4.51 -7.70 -7.62
CA ILE B 66 -3.66 -6.84 -8.46
C ILE B 66 -2.81 -7.71 -9.39
N GLY B 67 -2.58 -7.24 -10.63
CA GLY B 67 -1.72 -7.91 -11.59
C GLY B 67 -2.25 -9.22 -12.12
N ASP B 68 -1.38 -10.25 -12.12
CA ASP B 68 -1.67 -11.60 -12.61
C ASP B 68 -2.88 -12.23 -11.92
N ALA B 69 -3.00 -12.09 -10.58
CA ALA B 69 -4.13 -12.63 -9.82
C ALA B 69 -5.45 -12.00 -10.30
N ALA B 70 -5.44 -10.69 -10.63
CA ALA B 70 -6.60 -9.97 -11.13
C ALA B 70 -6.91 -10.39 -12.57
N LYS B 71 -5.90 -10.41 -13.46
CA LYS B 71 -6.07 -10.80 -14.87
C LYS B 71 -6.53 -12.27 -15.02
N ASN B 72 -6.05 -13.18 -14.11
N ASN B 72 -6.07 -13.16 -14.11
CA ASN B 72 -6.35 -14.62 -14.06
CA ASN B 72 -6.35 -14.60 -14.00
C ASN B 72 -7.80 -14.99 -13.69
C ASN B 72 -7.83 -14.95 -13.79
N GLN B 73 -8.60 -14.02 -13.21
CA GLN B 73 -10.01 -14.23 -12.88
C GLN B 73 -10.97 -13.32 -13.65
N VAL B 74 -10.47 -12.65 -14.72
CA VAL B 74 -11.27 -11.72 -15.54
C VAL B 74 -12.56 -12.33 -16.10
N ALA B 75 -12.49 -13.58 -16.59
CA ALA B 75 -13.65 -14.28 -17.15
C ALA B 75 -14.75 -14.56 -16.15
N ARG B 76 -14.39 -14.89 -14.90
CA ARG B 76 -15.41 -15.15 -13.88
C ARG B 76 -15.93 -13.91 -13.13
N ASN B 77 -15.28 -12.74 -13.32
CA ASN B 77 -15.70 -11.49 -12.66
C ASN B 77 -15.45 -10.30 -13.63
N PRO B 78 -16.13 -10.24 -14.81
CA PRO B 78 -15.85 -9.14 -15.77
C PRO B 78 -16.22 -7.71 -15.36
N GLU B 79 -17.35 -7.54 -14.65
CA GLU B 79 -17.86 -6.24 -14.23
C GLU B 79 -16.97 -5.54 -13.21
N ASN B 80 -16.22 -6.32 -12.40
CA ASN B 80 -15.40 -5.79 -11.32
C ASN B 80 -13.89 -5.92 -11.52
N THR B 81 -13.46 -6.27 -12.75
CA THR B 81 -12.07 -6.38 -13.14
C THR B 81 -11.77 -5.15 -14.00
N VAL B 82 -10.93 -4.26 -13.48
CA VAL B 82 -10.58 -3.00 -14.11
C VAL B 82 -9.20 -3.10 -14.74
N PHE B 83 -9.08 -2.55 -15.94
CA PHE B 83 -7.86 -2.47 -16.75
C PHE B 83 -7.99 -1.21 -17.60
N ASP B 84 -6.94 -0.85 -18.36
CA ASP B 84 -6.91 0.34 -19.22
C ASP B 84 -7.19 1.66 -18.47
N ALA B 85 -6.85 1.73 -17.15
CA ALA B 85 -7.05 2.98 -16.38
C ALA B 85 -6.21 4.13 -16.99
N LYS B 86 -5.12 3.79 -17.70
CA LYS B 86 -4.24 4.75 -18.39
C LYS B 86 -4.99 5.50 -19.52
N ARG B 87 -6.01 4.85 -20.13
CA ARG B 87 -6.85 5.45 -21.17
C ARG B 87 -7.85 6.45 -20.60
N LEU B 88 -8.05 6.43 -19.28
CA LEU B 88 -8.98 7.29 -18.54
C LEU B 88 -8.32 8.36 -17.69
N ILE B 89 -7.13 8.07 -17.15
CA ILE B 89 -6.37 8.95 -16.26
C ILE B 89 -6.20 10.40 -16.79
N GLY B 90 -6.62 11.37 -15.97
CA GLY B 90 -6.54 12.79 -16.27
C GLY B 90 -7.42 13.31 -17.39
N ARG B 91 -8.31 12.46 -17.92
CA ARG B 91 -9.23 12.84 -19.00
C ARG B 91 -10.59 13.17 -18.45
N LYS B 92 -11.44 13.81 -19.29
CA LYS B 92 -12.80 14.18 -18.90
C LYS B 92 -13.77 13.11 -19.39
N PHE B 93 -14.86 12.89 -18.62
CA PHE B 93 -15.89 11.90 -18.95
C PHE B 93 -16.47 12.07 -20.36
N ASP B 94 -16.75 13.32 -20.78
CA ASP B 94 -17.31 13.60 -22.10
C ASP B 94 -16.39 13.65 -23.31
N ASP B 95 -15.08 13.35 -23.14
CA ASP B 95 -14.16 13.28 -24.27
C ASP B 95 -14.64 12.16 -25.18
N GLN B 96 -14.67 12.39 -26.50
CA GLN B 96 -15.13 11.38 -27.48
C GLN B 96 -14.33 10.08 -27.35
N ALA B 97 -13.00 10.21 -27.12
CA ALA B 97 -12.06 9.09 -26.93
C ALA B 97 -12.50 8.23 -25.74
N VAL B 98 -12.88 8.86 -24.60
CA VAL B 98 -13.36 8.19 -23.39
C VAL B 98 -14.67 7.47 -23.69
N GLN B 99 -15.64 8.19 -24.29
CA GLN B 99 -16.96 7.66 -24.68
C GLN B 99 -16.85 6.45 -25.61
N SER B 100 -15.88 6.50 -26.56
CA SER B 100 -15.62 5.41 -27.49
C SER B 100 -15.02 4.19 -26.77
N ASP B 101 -14.01 4.41 -25.89
CA ASP B 101 -13.34 3.35 -25.12
C ASP B 101 -14.31 2.59 -24.21
N MET B 102 -15.24 3.34 -23.57
CA MET B 102 -16.26 2.84 -22.64
C MET B 102 -17.12 1.73 -23.22
N THR B 103 -17.38 1.78 -24.55
CA THR B 103 -18.20 0.80 -25.26
C THR B 103 -17.54 -0.59 -25.31
N HIS B 104 -16.21 -0.67 -25.09
CA HIS B 104 -15.49 -1.95 -25.10
C HIS B 104 -15.07 -2.42 -23.70
N TRP B 105 -15.49 -1.71 -22.65
CA TRP B 105 -15.14 -2.09 -21.28
C TRP B 105 -16.32 -2.74 -20.53
N PRO B 106 -16.11 -3.91 -19.87
CA PRO B 106 -17.21 -4.53 -19.12
C PRO B 106 -17.50 -3.88 -17.77
N PHE B 107 -16.55 -3.05 -17.27
CA PHE B 107 -16.73 -2.32 -16.01
C PHE B 107 -17.43 -1.00 -16.32
N LYS B 108 -18.24 -0.52 -15.37
CA LYS B 108 -19.03 0.69 -15.48
C LYS B 108 -18.24 1.98 -15.21
N VAL B 109 -18.38 2.96 -16.11
CA VAL B 109 -17.78 4.30 -16.00
C VAL B 109 -18.95 5.31 -16.03
N VAL B 110 -19.06 6.15 -15.00
CA VAL B 110 -20.12 7.18 -14.87
C VAL B 110 -19.53 8.59 -14.75
N ARG B 111 -20.36 9.64 -14.93
CA ARG B 111 -19.92 11.02 -14.81
C ARG B 111 -19.92 11.45 -13.36
N GLY B 112 -18.77 11.94 -12.92
CA GLY B 112 -18.61 12.47 -11.58
C GLY B 112 -18.63 13.99 -11.61
N PRO B 113 -18.56 14.68 -10.44
CA PRO B 113 -18.51 16.15 -10.46
C PRO B 113 -17.21 16.62 -11.12
N LYS B 114 -17.25 17.80 -11.77
CA LYS B 114 -16.15 18.42 -12.54
C LYS B 114 -15.74 17.59 -13.78
N ASP B 115 -16.74 16.90 -14.40
CA ASP B 115 -16.62 16.04 -15.61
C ASP B 115 -15.58 14.91 -15.46
N LYS B 116 -15.40 14.44 -14.22
CA LYS B 116 -14.43 13.43 -13.88
C LYS B 116 -14.97 12.01 -14.06
N PRO B 117 -14.29 11.11 -14.81
CA PRO B 117 -14.77 9.73 -14.93
C PRO B 117 -14.71 9.02 -13.57
N ILE B 118 -15.74 8.20 -13.28
CA ILE B 118 -15.82 7.42 -12.07
C ILE B 118 -16.04 5.96 -12.44
N ILE B 119 -15.14 5.07 -12.00
CA ILE B 119 -15.26 3.64 -12.25
C ILE B 119 -16.16 3.10 -11.13
N SER B 120 -17.25 2.41 -11.50
CA SER B 120 -18.20 1.88 -10.53
C SER B 120 -18.16 0.35 -10.54
N VAL B 121 -17.79 -0.21 -9.39
CA VAL B 121 -17.65 -1.67 -9.20
C VAL B 121 -18.36 -2.08 -7.91
N ASN B 122 -18.38 -3.40 -7.66
CA ASN B 122 -18.87 -4.00 -6.42
C ASN B 122 -17.65 -4.55 -5.73
N TYR B 123 -17.50 -4.24 -4.45
CA TYR B 123 -16.36 -4.62 -3.64
C TYR B 123 -16.82 -4.86 -2.21
N LEU B 124 -16.54 -6.06 -1.68
CA LEU B 124 -16.92 -6.46 -0.32
C LEU B 124 -18.45 -6.35 -0.04
N GLY B 125 -19.26 -6.66 -1.06
CA GLY B 125 -20.71 -6.61 -0.99
C GLY B 125 -21.33 -5.23 -0.98
N GLU B 126 -20.64 -4.22 -1.53
CA GLU B 126 -21.11 -2.84 -1.58
C GLU B 126 -20.66 -2.17 -2.88
N LYS B 127 -21.42 -1.15 -3.35
CA LYS B 127 -21.06 -0.38 -4.54
C LYS B 127 -19.88 0.51 -4.14
N LYS B 128 -18.85 0.55 -4.97
CA LYS B 128 -17.64 1.31 -4.69
C LYS B 128 -17.22 2.12 -5.90
N GLU B 129 -16.85 3.38 -5.66
CA GLU B 129 -16.42 4.29 -6.73
C GLU B 129 -14.92 4.58 -6.66
N PHE B 130 -14.27 4.64 -7.83
CA PHE B 130 -12.83 4.91 -7.95
C PHE B 130 -12.55 5.86 -9.10
N HIS B 131 -11.58 6.76 -8.92
CA HIS B 131 -11.09 7.59 -10.01
C HIS B 131 -10.09 6.66 -10.72
N ALA B 132 -9.72 6.99 -11.95
CA ALA B 132 -8.71 6.25 -12.70
C ALA B 132 -7.36 6.26 -11.98
N GLU B 133 -7.02 7.37 -11.28
CA GLU B 133 -5.77 7.47 -10.52
C GLU B 133 -5.78 6.60 -9.27
N GLU B 134 -6.96 6.23 -8.75
CA GLU B 134 -7.04 5.34 -7.59
C GLU B 134 -6.78 3.91 -8.03
N ILE B 135 -7.18 3.56 -9.27
CA ILE B 135 -6.91 2.24 -9.85
C ILE B 135 -5.41 2.15 -10.15
N SER B 136 -4.85 3.17 -10.84
CA SER B 136 -3.41 3.20 -11.13
C SER B 136 -2.57 3.21 -9.83
N ALA B 137 -3.10 3.83 -8.75
CA ALA B 137 -2.47 3.86 -7.42
C ALA B 137 -2.30 2.45 -6.85
N MET B 138 -3.28 1.55 -7.10
CA MET B 138 -3.22 0.15 -6.67
C MET B 138 -2.11 -0.59 -7.41
N VAL B 139 -1.92 -0.30 -8.71
CA VAL B 139 -0.86 -0.88 -9.52
C VAL B 139 0.49 -0.34 -9.01
N LEU B 140 0.59 0.98 -8.78
CA LEU B 140 1.80 1.61 -8.25
C LEU B 140 2.15 1.12 -6.86
N GLN B 141 1.13 0.88 -6.00
CA GLN B 141 1.34 0.35 -4.65
C GLN B 141 1.96 -1.07 -4.74
N LYS B 142 1.49 -1.91 -5.69
CA LYS B 142 2.03 -3.24 -5.94
C LYS B 142 3.48 -3.16 -6.39
N MET B 143 3.81 -2.15 -7.22
CA MET B 143 5.17 -1.92 -7.74
C MET B 143 6.08 -1.55 -6.60
N LYS B 144 5.56 -0.72 -5.67
CA LYS B 144 6.27 -0.31 -4.46
C LYS B 144 6.53 -1.54 -3.57
N GLU B 145 5.48 -2.37 -3.35
CA GLU B 145 5.56 -3.59 -2.52
C GLU B 145 6.55 -4.62 -3.07
N ILE B 146 6.54 -4.87 -4.39
CA ILE B 146 7.50 -5.82 -4.98
C ILE B 146 8.94 -5.32 -4.86
N SER B 147 9.14 -3.98 -4.96
CA SER B 147 10.44 -3.31 -4.86
C SER B 147 10.98 -3.37 -3.42
N GLU B 148 10.07 -3.22 -2.43
CA GLU B 148 10.40 -3.28 -1.00
C GLU B 148 10.86 -4.68 -0.63
N ALA B 149 10.17 -5.71 -1.15
CA ALA B 149 10.53 -7.12 -0.95
C ALA B 149 11.91 -7.39 -1.57
N TYR B 150 12.12 -6.97 -2.83
CA TYR B 150 13.37 -7.16 -3.59
C TYR B 150 14.55 -6.46 -2.93
N LEU B 151 14.38 -5.20 -2.48
CA LEU B 151 15.46 -4.42 -1.88
C LEU B 151 15.64 -4.64 -0.38
N GLY B 152 14.64 -5.24 0.28
CA GLY B 152 14.69 -5.49 1.72
C GLY B 152 14.67 -4.23 2.56
N ARG B 153 14.01 -3.17 2.04
CA ARG B 153 13.90 -1.87 2.72
C ARG B 153 12.71 -1.10 2.18
N GLN B 154 12.29 -0.10 2.93
CA GLN B 154 11.19 0.74 2.48
C GLN B 154 11.59 1.68 1.38
N ILE B 155 10.65 1.92 0.46
CA ILE B 155 10.84 2.74 -0.73
C ILE B 155 9.76 3.80 -0.82
N LYS B 156 10.17 5.07 -1.05
N LYS B 156 10.16 5.03 -1.13
CA LYS B 156 9.28 6.22 -1.18
CA LYS B 156 9.24 6.15 -1.30
C LYS B 156 9.53 7.07 -2.44
C LYS B 156 9.52 6.91 -2.59
N ASN B 157 10.80 7.22 -2.86
CA ASN B 157 11.20 7.99 -4.04
C ASN B 157 11.06 7.28 -5.37
N ALA B 158 10.38 7.94 -6.32
CA ALA B 158 10.17 7.36 -7.65
C ALA B 158 10.10 8.38 -8.77
N VAL B 159 10.38 7.89 -9.99
CA VAL B 159 10.21 8.55 -11.27
C VAL B 159 9.18 7.66 -11.97
N VAL B 160 8.09 8.26 -12.42
CA VAL B 160 7.02 7.56 -13.12
C VAL B 160 6.99 8.13 -14.54
N THR B 161 6.93 7.27 -15.54
CA THR B 161 6.92 7.69 -16.93
C THR B 161 5.52 7.80 -17.48
N VAL B 162 5.35 8.62 -18.54
CA VAL B 162 4.08 8.85 -19.26
C VAL B 162 4.34 9.00 -20.77
N PRO B 163 3.37 8.74 -21.67
CA PRO B 163 3.61 9.01 -23.10
C PRO B 163 3.89 10.51 -23.31
N ALA B 164 4.72 10.84 -24.31
CA ALA B 164 5.10 12.22 -24.62
C ALA B 164 3.92 13.15 -24.95
N TYR B 165 2.82 12.59 -25.48
CA TYR B 165 1.60 13.34 -25.82
C TYR B 165 0.70 13.63 -24.62
N PHE B 166 0.99 13.09 -23.41
CA PHE B 166 0.16 13.36 -22.22
C PHE B 166 0.15 14.86 -21.88
N ASN B 167 -1.03 15.39 -21.59
CA ASN B 167 -1.20 16.79 -21.24
C ASN B 167 -0.92 17.00 -19.74
N ASP B 168 -1.07 18.27 -19.25
N ASP B 168 -1.07 18.26 -19.25
CA ASP B 168 -0.84 18.65 -17.86
CA ASP B 168 -0.86 18.64 -17.85
C ASP B 168 -1.75 17.91 -16.86
C ASP B 168 -1.74 17.83 -16.90
N SER B 169 -3.02 17.68 -17.26
CA SER B 169 -4.04 16.98 -16.46
C SER B 169 -3.70 15.49 -16.27
N GLN B 170 -3.28 14.83 -17.36
CA GLN B 170 -2.89 13.41 -17.38
C GLN B 170 -1.59 13.17 -16.59
N ARG B 171 -0.63 14.13 -16.69
CA ARG B 171 0.64 14.12 -15.96
C ARG B 171 0.39 14.26 -14.45
N GLN B 172 -0.45 15.24 -14.07
CA GLN B 172 -0.81 15.50 -12.67
C GLN B 172 -1.58 14.32 -12.06
N ALA B 173 -2.50 13.71 -12.82
CA ALA B 173 -3.29 12.57 -12.35
C ALA B 173 -2.40 11.34 -12.14
N THR B 174 -1.36 11.16 -12.97
CA THR B 174 -0.38 10.08 -12.82
C THR B 174 0.44 10.32 -11.54
N LYS B 175 0.81 11.59 -11.28
CA LYS B 175 1.54 11.98 -10.08
C LYS B 175 0.67 11.71 -8.85
N ASP B 176 -0.64 12.01 -8.95
CA ASP B 176 -1.61 11.75 -7.87
C ASP B 176 -1.74 10.27 -7.58
N ALA B 177 -1.70 9.41 -8.62
CA ALA B 177 -1.71 7.95 -8.46
C ALA B 177 -0.51 7.50 -7.61
N GLY B 178 0.65 8.13 -7.86
CA GLY B 178 1.88 7.89 -7.11
C GLY B 178 1.72 8.26 -5.65
N ALA B 179 1.18 9.47 -5.40
CA ALA B 179 0.92 10.01 -4.06
C ALA B 179 -0.05 9.14 -3.26
N ILE B 180 -1.14 8.65 -3.91
CA ILE B 180 -2.15 7.76 -3.30
C ILE B 180 -1.49 6.43 -2.88
N ALA B 181 -0.50 5.96 -3.66
CA ALA B 181 0.26 4.74 -3.38
C ALA B 181 1.38 4.95 -2.33
N GLY B 182 1.53 6.19 -1.85
CA GLY B 182 2.55 6.55 -0.87
C GLY B 182 3.94 6.78 -1.46
N LEU B 183 3.98 7.05 -2.77
CA LEU B 183 5.26 7.32 -3.43
C LEU B 183 5.48 8.81 -3.51
N ASN B 184 6.74 9.22 -3.37
CA ASN B 184 7.16 10.59 -3.56
C ASN B 184 7.59 10.63 -5.01
N VAL B 185 6.72 11.14 -5.88
CA VAL B 185 7.02 11.20 -7.31
C VAL B 185 7.92 12.42 -7.56
N MET B 186 9.24 12.17 -7.67
CA MET B 186 10.24 13.23 -7.87
C MET B 186 10.05 13.92 -9.22
N ARG B 187 9.65 13.14 -10.25
CA ARG B 187 9.41 13.67 -11.59
C ARG B 187 8.59 12.72 -12.44
N ILE B 188 7.77 13.32 -13.31
CA ILE B 188 7.04 12.62 -14.36
C ILE B 188 7.88 12.91 -15.61
N ILE B 189 8.39 11.86 -16.25
CA ILE B 189 9.18 12.02 -17.47
C ILE B 189 8.52 11.28 -18.62
N ASN B 190 8.81 11.68 -19.86
CA ASN B 190 8.26 11.04 -21.06
C ASN B 190 8.90 9.68 -21.27
N GLU B 191 8.08 8.69 -21.67
CA GLU B 191 8.50 7.33 -21.96
C GLU B 191 9.62 7.25 -23.02
N PRO B 192 9.53 7.95 -24.20
CA PRO B 192 10.63 7.85 -25.19
C PRO B 192 11.97 8.40 -24.67
N THR B 193 11.91 9.43 -23.81
CA THR B 193 13.08 10.05 -23.17
C THR B 193 13.73 9.04 -22.21
N ALA B 194 12.89 8.30 -21.44
CA ALA B 194 13.35 7.26 -20.51
C ALA B 194 14.10 6.16 -21.26
N ALA B 195 13.58 5.72 -22.41
CA ALA B 195 14.24 4.73 -23.25
C ALA B 195 15.58 5.25 -23.78
N ALA B 196 15.65 6.56 -24.16
CA ALA B 196 16.88 7.19 -24.65
C ALA B 196 17.91 7.25 -23.52
N ILE B 197 17.46 7.58 -22.28
CA ILE B 197 18.29 7.58 -21.07
C ILE B 197 18.82 6.17 -20.79
N ALA B 198 17.97 5.12 -20.95
CA ALA B 198 18.34 3.73 -20.74
C ALA B 198 19.55 3.31 -21.57
N TYR B 199 19.64 3.82 -22.80
CA TYR B 199 20.75 3.52 -23.70
C TYR B 199 21.94 4.50 -23.60
N GLY B 200 21.83 5.47 -22.70
CA GLY B 200 22.85 6.48 -22.45
C GLY B 200 23.17 7.28 -23.70
N LEU B 201 22.14 7.57 -24.52
CA LEU B 201 22.26 8.28 -25.79
C LEU B 201 22.69 9.73 -25.66
N ASP B 202 22.62 10.27 -24.43
CA ASP B 202 23.02 11.64 -24.06
C ASP B 202 24.49 11.72 -23.60
N LYS B 203 25.21 10.58 -23.65
CA LYS B 203 26.61 10.41 -23.25
C LYS B 203 27.42 9.80 -24.38
N LYS B 204 26.96 9.95 -25.62
CA LYS B 204 27.71 9.47 -26.77
C LYS B 204 28.82 10.49 -27.00
N GLY B 205 28.63 11.66 -26.37
CA GLY B 205 29.56 12.78 -26.34
C GLY B 205 29.94 13.28 -27.71
N THR B 206 29.00 13.95 -28.37
CA THR B 206 29.20 14.58 -29.66
C THR B 206 28.40 15.88 -29.56
N GLY B 207 27.81 16.34 -30.65
CA GLY B 207 26.98 17.51 -30.63
C GLY B 207 25.55 17.06 -30.48
N GLU B 208 24.69 17.60 -31.34
CA GLU B 208 23.28 17.32 -31.45
C GLU B 208 23.08 15.84 -31.86
N ARG B 209 22.09 15.17 -31.26
CA ARG B 209 21.79 13.77 -31.56
C ARG B 209 20.31 13.58 -31.86
N ASN B 210 20.01 12.84 -32.96
CA ASN B 210 18.65 12.56 -33.40
C ASN B 210 18.30 11.13 -33.08
N VAL B 211 17.25 10.98 -32.29
CA VAL B 211 16.85 9.66 -31.81
C VAL B 211 15.39 9.36 -32.17
N LEU B 212 15.16 8.21 -32.80
CA LEU B 212 13.81 7.75 -33.10
C LEU B 212 13.48 6.61 -32.13
N ILE B 213 12.40 6.78 -31.38
CA ILE B 213 11.93 5.75 -30.46
C ILE B 213 10.73 5.10 -31.14
N PHE B 214 10.80 3.78 -31.35
CA PHE B 214 9.74 2.96 -31.95
C PHE B 214 9.18 2.10 -30.82
N ASP B 215 8.01 2.48 -30.30
CA ASP B 215 7.39 1.82 -29.15
C ASP B 215 6.06 1.12 -29.46
N LEU B 216 6.08 -0.22 -29.48
CA LEU B 216 4.89 -1.04 -29.72
C LEU B 216 4.66 -1.99 -28.54
N GLY B 217 3.70 -1.65 -27.70
CA GLY B 217 3.38 -2.43 -26.50
C GLY B 217 2.17 -3.32 -26.65
N GLY B 218 1.41 -3.45 -25.56
CA GLY B 218 0.23 -4.29 -25.49
C GLY B 218 -1.00 -3.65 -26.11
N GLY B 219 -1.19 -2.36 -25.89
CA GLY B 219 -2.36 -1.65 -26.41
C GLY B 219 -2.09 -0.45 -27.30
N THR B 220 -0.86 0.11 -27.24
CA THR B 220 -0.53 1.32 -28.00
C THR B 220 0.72 1.22 -28.86
N PHE B 221 0.81 2.13 -29.83
CA PHE B 221 1.93 2.27 -30.75
C PHE B 221 2.33 3.73 -30.75
N ASP B 222 3.55 4.01 -30.29
CA ASP B 222 4.09 5.36 -30.20
C ASP B 222 5.42 5.48 -30.87
N VAL B 223 5.52 6.45 -31.78
CA VAL B 223 6.75 6.78 -32.48
C VAL B 223 7.09 8.18 -32.06
N SER B 224 8.32 8.38 -31.56
CA SER B 224 8.75 9.68 -31.12
C SER B 224 10.10 10.00 -31.70
N LEU B 225 10.28 11.27 -32.07
CA LEU B 225 11.53 11.75 -32.60
C LEU B 225 12.05 12.78 -31.63
N LEU B 226 13.23 12.50 -31.06
CA LEU B 226 13.85 13.39 -30.08
C LEU B 226 15.16 13.93 -30.57
N THR B 227 15.55 15.06 -29.99
CA THR B 227 16.84 15.69 -30.23
C THR B 227 17.52 15.83 -28.87
N ILE B 228 18.83 15.58 -28.81
CA ILE B 228 19.62 15.76 -27.59
C ILE B 228 20.60 16.92 -27.89
N GLU B 229 20.24 18.12 -27.42
CA GLU B 229 21.01 19.34 -27.63
C GLU B 229 21.52 19.82 -26.29
N ASP B 230 22.86 19.94 -26.15
CA ASP B 230 23.54 20.35 -24.91
C ASP B 230 23.14 19.46 -23.70
N GLY B 231 22.98 18.17 -23.96
CA GLY B 231 22.56 17.18 -22.97
C GLY B 231 21.10 17.27 -22.59
N ILE B 232 20.32 18.18 -23.23
CA ILE B 232 18.91 18.40 -22.98
C ILE B 232 18.09 17.63 -24.02
N PHE B 233 17.11 16.87 -23.54
CA PHE B 233 16.23 16.12 -24.43
C PHE B 233 15.05 16.96 -24.86
N GLU B 234 14.70 16.87 -26.13
CA GLU B 234 13.57 17.61 -26.68
C GLU B 234 12.78 16.73 -27.61
N VAL B 235 11.48 16.53 -27.30
CA VAL B 235 10.58 15.74 -28.15
C VAL B 235 10.18 16.68 -29.29
N LYS B 236 10.64 16.36 -30.51
CA LYS B 236 10.40 17.19 -31.69
C LYS B 236 9.08 16.85 -32.38
N ALA B 237 8.78 15.55 -32.52
CA ALA B 237 7.57 15.06 -33.17
C ALA B 237 7.15 13.71 -32.59
N THR B 238 5.82 13.46 -32.52
CA THR B 238 5.20 12.22 -32.04
C THR B 238 4.08 11.81 -32.98
N ALA B 239 3.92 10.50 -33.17
CA ALA B 239 2.89 9.91 -34.00
C ALA B 239 2.65 8.47 -33.56
N GLY B 240 1.51 7.93 -33.93
CA GLY B 240 1.18 6.56 -33.61
C GLY B 240 -0.30 6.25 -33.61
N ASP B 241 -0.67 5.21 -32.87
CA ASP B 241 -2.03 4.72 -32.77
C ASP B 241 -2.25 4.16 -31.35
N THR B 242 -3.17 4.79 -30.60
CA THR B 242 -3.52 4.37 -29.23
C THR B 242 -4.32 3.06 -29.19
N HIS B 243 -4.70 2.52 -30.36
CA HIS B 243 -5.48 1.29 -30.50
C HIS B 243 -4.79 0.28 -31.41
N LEU B 244 -3.46 0.16 -31.25
CA LEU B 244 -2.64 -0.77 -32.00
C LEU B 244 -1.53 -1.31 -31.09
N GLY B 245 -1.64 -2.58 -30.72
CA GLY B 245 -0.67 -3.25 -29.87
C GLY B 245 -0.81 -4.74 -29.90
N GLY B 246 -0.06 -5.43 -29.05
CA GLY B 246 -0.05 -6.87 -28.92
C GLY B 246 -1.40 -7.53 -28.70
N GLU B 247 -2.34 -6.82 -28.02
CA GLU B 247 -3.69 -7.31 -27.74
C GLU B 247 -4.47 -7.51 -29.05
N ASP B 248 -4.31 -6.59 -30.01
CA ASP B 248 -4.93 -6.63 -31.34
C ASP B 248 -4.39 -7.78 -32.16
N PHE B 249 -3.11 -8.16 -31.96
CA PHE B 249 -2.50 -9.29 -32.65
C PHE B 249 -3.08 -10.58 -32.08
N ASP B 250 -3.28 -10.65 -30.75
CA ASP B 250 -3.93 -11.79 -30.07
C ASP B 250 -5.33 -11.96 -30.62
N ASN B 251 -6.09 -10.83 -30.77
CA ASN B 251 -7.44 -10.79 -31.32
C ASN B 251 -7.50 -11.47 -32.68
N ARG B 252 -6.47 -11.24 -33.52
CA ARG B 252 -6.34 -11.83 -34.85
C ARG B 252 -6.09 -13.33 -34.80
N LEU B 253 -5.35 -13.82 -33.80
CA LEU B 253 -5.11 -15.26 -33.60
C LEU B 253 -6.38 -15.91 -33.05
N VAL B 254 -7.02 -15.24 -32.07
CA VAL B 254 -8.26 -15.68 -31.43
C VAL B 254 -9.36 -15.84 -32.49
N GLU B 255 -9.57 -14.82 -33.35
CA GLU B 255 -10.56 -14.81 -34.45
C GLU B 255 -10.32 -15.97 -35.42
N PHE B 256 -9.04 -16.30 -35.71
CA PHE B 256 -8.65 -17.40 -36.58
C PHE B 256 -9.06 -18.74 -35.95
N CYS B 257 -8.72 -18.94 -34.66
CA CYS B 257 -9.05 -20.15 -33.91
C CYS B 257 -10.56 -20.32 -33.69
N VAL B 258 -11.29 -19.21 -33.53
CA VAL B 258 -12.75 -19.21 -33.34
C VAL B 258 -13.40 -19.76 -34.62
N GLN B 259 -12.95 -19.28 -35.80
CA GLN B 259 -13.42 -19.73 -37.11
C GLN B 259 -13.01 -21.18 -37.38
N ASP B 260 -11.77 -21.55 -36.97
CA ASP B 260 -11.25 -22.92 -37.13
C ASP B 260 -12.07 -23.92 -36.31
N PHE B 261 -12.52 -23.51 -35.10
CA PHE B 261 -13.35 -24.35 -34.24
C PHE B 261 -14.74 -24.51 -34.90
N LYS B 262 -15.33 -23.40 -35.44
CA LYS B 262 -16.64 -23.38 -36.11
C LYS B 262 -16.66 -24.34 -37.31
N ARG B 263 -15.58 -24.33 -38.12
CA ARG B 263 -15.43 -25.19 -39.30
C ARG B 263 -15.29 -26.66 -38.92
N LYS B 264 -14.50 -26.94 -37.88
CA LYS B 264 -14.21 -28.28 -37.37
C LYS B 264 -15.39 -28.89 -36.61
N ASN B 265 -16.22 -28.04 -35.96
CA ASN B 265 -17.32 -28.48 -35.11
C ASN B 265 -18.69 -27.88 -35.40
N ARG B 266 -19.22 -28.15 -36.63
CA ARG B 266 -20.54 -27.78 -37.11
C ARG B 266 -21.11 -26.40 -36.72
N GLY B 267 -20.27 -25.37 -36.85
CA GLY B 267 -20.64 -23.98 -36.58
C GLY B 267 -20.75 -23.56 -35.13
N MET B 268 -20.14 -24.33 -34.21
CA MET B 268 -20.17 -24.01 -32.77
C MET B 268 -19.33 -22.78 -32.45
N ASP B 269 -19.98 -21.75 -31.90
CA ASP B 269 -19.37 -20.49 -31.52
C ASP B 269 -18.97 -20.45 -30.04
N LEU B 270 -17.67 -20.68 -29.77
CA LEU B 270 -17.09 -20.70 -28.41
C LEU B 270 -17.08 -19.32 -27.71
N THR B 271 -17.30 -18.22 -28.47
CA THR B 271 -17.32 -16.85 -27.93
C THR B 271 -18.48 -16.59 -26.98
N THR B 272 -19.51 -17.48 -27.00
CA THR B 272 -20.68 -17.41 -26.13
C THR B 272 -20.31 -17.79 -24.68
N ASN B 273 -19.18 -18.50 -24.50
CA ASN B 273 -18.64 -18.92 -23.21
C ASN B 273 -17.36 -18.13 -22.92
N ALA B 274 -17.46 -17.18 -21.95
CA ALA B 274 -16.34 -16.31 -21.54
C ALA B 274 -15.12 -17.10 -21.08
N ARG B 275 -15.32 -18.18 -20.31
CA ARG B 275 -14.26 -19.06 -19.81
C ARG B 275 -13.49 -19.75 -20.93
N ALA B 276 -14.20 -20.29 -21.93
CA ALA B 276 -13.63 -20.98 -23.10
C ALA B 276 -12.81 -20.03 -23.96
N LEU B 277 -13.36 -18.82 -24.21
CA LEU B 277 -12.71 -17.77 -25.00
C LEU B 277 -11.44 -17.28 -24.30
N ARG B 278 -11.50 -17.17 -22.95
CA ARG B 278 -10.35 -16.75 -22.16
C ARG B 278 -9.23 -17.78 -22.20
N ARG B 279 -9.57 -19.08 -22.13
CA ARG B 279 -8.60 -20.18 -22.24
C ARG B 279 -7.91 -20.14 -23.62
N LEU B 280 -8.72 -19.88 -24.68
CA LEU B 280 -8.21 -19.76 -26.05
C LEU B 280 -7.28 -18.55 -26.18
N ARG B 281 -7.72 -17.38 -25.68
CA ARG B 281 -6.95 -16.13 -25.71
C ARG B 281 -5.62 -16.25 -24.98
N THR B 282 -5.60 -16.93 -23.83
CA THR B 282 -4.40 -17.18 -23.00
C THR B 282 -3.38 -17.98 -23.82
N GLN B 283 -3.87 -18.99 -24.56
CA GLN B 283 -3.03 -19.83 -25.40
C GLN B 283 -2.60 -19.17 -26.71
N CYS B 284 -3.42 -18.24 -27.24
CA CYS B 284 -3.08 -17.47 -28.44
C CYS B 284 -1.92 -16.52 -28.11
N GLU B 285 -1.97 -15.88 -26.91
CA GLU B 285 -0.94 -14.99 -26.36
C GLU B 285 0.39 -15.74 -26.26
N ARG B 286 0.36 -16.97 -25.70
CA ARG B 286 1.49 -17.90 -25.52
C ARG B 286 2.08 -18.28 -26.91
N ALA B 287 1.19 -18.63 -27.86
CA ALA B 287 1.54 -19.02 -29.22
C ALA B 287 2.26 -17.88 -29.94
N LYS B 288 1.74 -16.63 -29.81
CA LYS B 288 2.32 -15.42 -30.39
C LYS B 288 3.75 -15.21 -29.88
N ARG B 289 3.96 -15.33 -28.55
CA ARG B 289 5.27 -15.21 -27.93
C ARG B 289 6.24 -16.28 -28.44
N THR B 290 5.76 -17.55 -28.58
CA THR B 290 6.55 -18.67 -29.11
C THR B 290 6.99 -18.36 -30.56
N LEU B 291 6.11 -17.70 -31.34
CA LEU B 291 6.39 -17.34 -32.73
C LEU B 291 7.42 -16.22 -32.93
N SER B 292 7.94 -15.63 -31.83
CA SER B 292 8.99 -14.64 -31.88
C SER B 292 10.36 -15.31 -31.87
N SER B 293 10.42 -16.58 -31.41
CA SER B 293 11.64 -17.39 -31.34
C SER B 293 11.59 -18.66 -32.21
N SER B 294 10.38 -19.16 -32.50
CA SER B 294 10.15 -20.35 -33.32
C SER B 294 9.28 -20.02 -34.54
N THR B 295 9.27 -20.91 -35.54
CA THR B 295 8.48 -20.72 -36.77
C THR B 295 7.14 -21.44 -36.67
N GLN B 296 6.96 -22.30 -35.64
CA GLN B 296 5.74 -23.07 -35.39
C GLN B 296 5.31 -22.97 -33.93
N ALA B 297 4.00 -22.85 -33.70
CA ALA B 297 3.37 -22.81 -32.38
C ALA B 297 2.17 -23.75 -32.39
N THR B 298 1.89 -24.39 -31.24
CA THR B 298 0.78 -25.32 -31.11
C THR B 298 -0.14 -24.93 -29.94
N ILE B 299 -1.46 -24.87 -30.19
CA ILE B 299 -2.50 -24.60 -29.20
C ILE B 299 -3.22 -25.94 -28.97
N GLU B 300 -3.24 -26.42 -27.72
CA GLU B 300 -3.90 -27.68 -27.35
C GLU B 300 -4.78 -27.43 -26.12
N LEU B 301 -6.11 -27.59 -26.26
CA LEU B 301 -7.06 -27.36 -25.17
C LEU B 301 -8.12 -28.42 -25.10
N ASP B 302 -8.06 -29.27 -24.06
CA ASP B 302 -9.03 -30.32 -23.82
C ASP B 302 -10.34 -29.70 -23.36
N SER B 303 -11.48 -30.33 -23.74
CA SER B 303 -12.84 -29.93 -23.34
C SER B 303 -13.04 -28.40 -23.36
N LEU B 304 -12.66 -27.74 -24.48
CA LEU B 304 -12.74 -26.29 -24.65
C LEU B 304 -14.18 -25.76 -24.60
N TYR B 305 -15.05 -26.29 -25.46
CA TYR B 305 -16.43 -25.84 -25.57
C TYR B 305 -17.34 -27.03 -25.83
N GLU B 306 -18.35 -27.21 -24.96
CA GLU B 306 -19.33 -28.31 -25.03
C GLU B 306 -18.65 -29.69 -25.01
N GLY B 307 -17.56 -29.77 -24.22
CA GLY B 307 -16.75 -30.97 -24.05
C GLY B 307 -15.84 -31.30 -25.23
N ILE B 308 -15.83 -30.45 -26.27
CA ILE B 308 -15.01 -30.67 -27.47
C ILE B 308 -13.57 -30.22 -27.28
N ASP B 309 -12.63 -31.14 -27.54
CA ASP B 309 -11.20 -30.85 -27.49
C ASP B 309 -10.81 -30.01 -28.70
N TYR B 310 -9.84 -29.10 -28.53
CA TYR B 310 -9.37 -28.25 -29.61
C TYR B 310 -7.86 -28.21 -29.70
N SER B 311 -7.32 -28.44 -30.91
CA SER B 311 -5.89 -28.43 -31.23
C SER B 311 -5.64 -27.86 -32.64
N VAL B 312 -4.61 -27.01 -32.80
CA VAL B 312 -4.23 -26.39 -34.08
C VAL B 312 -2.73 -26.11 -34.16
N ALA B 313 -2.20 -25.93 -35.40
CA ALA B 313 -0.79 -25.61 -35.65
C ALA B 313 -0.73 -24.23 -36.29
N ILE B 314 -0.07 -23.29 -35.61
CA ILE B 314 0.05 -21.92 -36.10
C ILE B 314 1.50 -21.62 -36.44
N SER B 315 1.76 -21.30 -37.70
CA SER B 315 3.09 -20.95 -38.19
C SER B 315 3.32 -19.45 -38.06
N ARG B 316 4.60 -19.01 -38.06
CA ARG B 316 5.00 -17.61 -38.00
C ARG B 316 4.42 -16.86 -39.21
N ALA B 317 4.46 -17.49 -40.40
CA ALA B 317 3.93 -16.95 -41.66
C ALA B 317 2.46 -16.65 -41.53
N ARG B 318 1.69 -17.61 -40.97
CA ARG B 318 0.24 -17.48 -40.73
C ARG B 318 -0.04 -16.30 -39.79
N PHE B 319 0.70 -16.19 -38.66
CA PHE B 319 0.57 -15.08 -37.72
C PHE B 319 0.85 -13.73 -38.40
N GLU B 320 1.98 -13.65 -39.15
CA GLU B 320 2.38 -12.45 -39.92
C GLU B 320 1.30 -12.05 -40.93
N GLU B 321 0.68 -13.03 -41.62
CA GLU B 321 -0.38 -12.81 -42.60
C GLU B 321 -1.72 -12.36 -41.97
N LEU B 322 -2.01 -12.84 -40.74
CA LEU B 322 -3.23 -12.49 -40.00
C LEU B 322 -3.19 -11.03 -39.51
N CYS B 323 -1.98 -10.48 -39.30
CA CYS B 323 -1.73 -9.11 -38.84
C CYS B 323 -0.99 -8.26 -39.90
N ALA B 324 -1.01 -8.68 -41.20
CA ALA B 324 -0.34 -8.00 -42.31
C ALA B 324 -0.62 -6.49 -42.37
N ASP B 325 -1.90 -6.10 -42.31
CA ASP B 325 -2.34 -4.70 -42.31
C ASP B 325 -1.77 -3.92 -41.10
N TYR B 326 -1.77 -4.56 -39.90
CA TYR B 326 -1.24 -3.99 -38.66
C TYR B 326 0.25 -3.72 -38.78
N PHE B 327 1.00 -4.72 -39.31
CA PHE B 327 2.44 -4.64 -39.52
C PHE B 327 2.83 -3.62 -40.60
N ARG B 328 1.96 -3.44 -41.64
N ARG B 328 1.98 -3.43 -41.63
CA ARG B 328 2.13 -2.48 -42.73
CA ARG B 328 2.24 -2.46 -42.70
C ARG B 328 1.98 -1.06 -42.20
C ARG B 328 1.95 -1.03 -42.24
N ALA B 329 1.05 -0.88 -41.24
CA ALA B 329 0.70 0.41 -40.65
C ALA B 329 1.73 0.97 -39.68
N THR B 330 2.73 0.16 -39.29
CA THR B 330 3.80 0.49 -38.36
C THR B 330 4.80 1.54 -38.91
N LEU B 331 4.92 1.63 -40.24
CA LEU B 331 5.85 2.54 -40.91
C LEU B 331 5.35 3.95 -41.20
N ALA B 332 4.02 4.14 -41.32
CA ALA B 332 3.41 5.45 -41.56
C ALA B 332 3.75 6.46 -40.43
N PRO B 333 3.56 6.15 -39.11
CA PRO B 333 3.94 7.12 -38.07
C PRO B 333 5.45 7.45 -38.03
N VAL B 334 6.31 6.56 -38.56
CA VAL B 334 7.76 6.78 -38.64
C VAL B 334 8.04 7.88 -39.71
N GLU B 335 7.44 7.76 -40.91
CA GLU B 335 7.57 8.73 -42.00
C GLU B 335 7.02 10.09 -41.56
N LYS B 336 5.88 10.07 -40.82
CA LYS B 336 5.16 11.22 -40.28
C LYS B 336 5.98 12.08 -39.30
N VAL B 337 6.75 11.45 -38.37
CA VAL B 337 7.57 12.19 -37.40
C VAL B 337 8.76 12.83 -38.07
N LEU B 338 9.36 12.13 -39.05
CA LEU B 338 10.50 12.61 -39.82
C LEU B 338 10.06 13.84 -40.62
N LYS B 339 8.86 13.75 -41.24
CA LYS B 339 8.24 14.84 -42.02
C LYS B 339 7.95 16.07 -41.13
N ASP B 340 7.22 15.88 -40.02
CA ASP B 340 6.84 16.94 -39.08
C ASP B 340 8.04 17.77 -38.58
N ALA B 341 9.19 17.11 -38.38
CA ALA B 341 10.43 17.75 -37.94
C ALA B 341 11.30 18.20 -39.12
N GLY B 342 10.88 17.89 -40.35
CA GLY B 342 11.62 18.20 -41.57
C GLY B 342 12.98 17.55 -41.53
N MET B 343 12.98 16.23 -41.31
CA MET B 343 14.19 15.43 -41.16
C MET B 343 14.18 14.24 -42.09
N ASP B 344 15.37 13.87 -42.60
CA ASP B 344 15.57 12.71 -43.44
C ASP B 344 15.90 11.52 -42.54
N LYS B 345 15.52 10.29 -42.94
CA LYS B 345 15.79 9.07 -42.16
C LYS B 345 17.28 8.83 -41.90
N ARG B 346 18.14 9.25 -42.85
CA ARG B 346 19.62 9.16 -42.77
C ARG B 346 20.21 10.07 -41.68
N SER B 347 19.41 11.03 -41.17
CA SER B 347 19.81 11.97 -40.10
C SER B 347 19.65 11.37 -38.69
N VAL B 348 18.90 10.25 -38.56
CA VAL B 348 18.66 9.54 -37.29
C VAL B 348 19.93 8.82 -36.87
N HIS B 349 20.45 9.13 -35.67
CA HIS B 349 21.65 8.50 -35.13
C HIS B 349 21.34 7.20 -34.40
N ASP B 350 20.16 7.14 -33.74
CA ASP B 350 19.74 5.95 -32.99
C ASP B 350 18.29 5.62 -33.21
N VAL B 351 18.02 4.34 -33.50
CA VAL B 351 16.66 3.82 -33.64
C VAL B 351 16.47 2.89 -32.43
N VAL B 352 15.54 3.24 -31.52
CA VAL B 352 15.34 2.44 -30.30
C VAL B 352 14.07 1.60 -30.30
N LEU B 353 14.23 0.28 -30.08
CA LEU B 353 13.11 -0.68 -30.00
C LEU B 353 12.63 -0.78 -28.57
N VAL B 354 11.37 -0.37 -28.33
CA VAL B 354 10.71 -0.34 -27.03
C VAL B 354 9.34 -1.03 -27.16
N GLY B 355 8.88 -1.65 -26.09
CA GLY B 355 7.59 -2.34 -26.08
C GLY B 355 7.73 -3.80 -26.41
N GLY B 356 7.01 -4.65 -25.67
CA GLY B 356 7.06 -6.10 -25.82
C GLY B 356 6.83 -6.64 -27.23
N SER B 357 5.98 -5.94 -28.01
CA SER B 357 5.65 -6.35 -29.37
C SER B 357 6.80 -6.13 -30.39
N THR B 358 7.88 -5.41 -30.00
CA THR B 358 9.03 -5.23 -30.89
C THR B 358 9.90 -6.49 -30.93
N ARG B 359 9.52 -7.52 -30.15
CA ARG B 359 10.20 -8.82 -30.13
C ARG B 359 9.77 -9.64 -31.36
N ILE B 360 8.70 -9.21 -32.07
CA ILE B 360 8.17 -9.87 -33.27
C ILE B 360 9.18 -9.69 -34.41
N PRO B 361 9.76 -10.80 -34.93
CA PRO B 361 10.75 -10.69 -36.03
C PRO B 361 10.32 -9.84 -37.24
N LYS B 362 9.05 -9.96 -37.70
CA LYS B 362 8.55 -9.17 -38.83
C LYS B 362 8.59 -7.65 -38.57
N VAL B 363 8.21 -7.24 -37.34
CA VAL B 363 8.24 -5.83 -36.92
C VAL B 363 9.69 -5.32 -36.95
N GLN B 364 10.65 -6.12 -36.46
CA GLN B 364 12.08 -5.79 -36.46
C GLN B 364 12.64 -5.65 -37.88
N ALA B 365 12.28 -6.61 -38.77
CA ALA B 365 12.73 -6.65 -40.16
C ALA B 365 12.24 -5.43 -40.95
N LEU B 366 10.99 -5.02 -40.72
CA LEU B 366 10.39 -3.86 -41.38
C LEU B 366 11.04 -2.54 -40.99
N ILE B 367 11.34 -2.36 -39.67
CA ILE B 367 11.98 -1.14 -39.16
C ILE B 367 13.46 -1.03 -39.61
N GLN B 368 14.19 -2.16 -39.64
CA GLN B 368 15.58 -2.22 -40.10
C GLN B 368 15.67 -2.01 -41.60
N GLU B 369 14.72 -2.58 -42.38
CA GLU B 369 14.65 -2.40 -43.84
C GLU B 369 14.44 -0.92 -44.14
N PHE B 370 13.50 -0.26 -43.41
CA PHE B 370 13.21 1.16 -43.57
C PHE B 370 14.45 2.03 -43.33
N PHE B 371 15.25 1.67 -42.32
CA PHE B 371 16.49 2.37 -41.99
C PHE B 371 17.72 1.85 -42.74
N ASN B 372 17.48 1.16 -43.88
CA ASN B 372 18.48 0.58 -44.79
C ASN B 372 19.56 -0.29 -44.12
N GLY B 373 19.09 -1.20 -43.26
CA GLY B 373 19.95 -2.16 -42.56
C GLY B 373 20.62 -1.67 -41.29
N LYS B 374 20.30 -0.44 -40.84
CA LYS B 374 20.87 0.14 -39.61
C LYS B 374 20.46 -0.71 -38.40
N GLU B 375 21.45 -1.11 -37.59
CA GLU B 375 21.22 -1.92 -36.39
C GLU B 375 20.57 -1.05 -35.31
N PRO B 376 19.41 -1.47 -34.77
CA PRO B 376 18.76 -0.66 -33.73
C PRO B 376 19.34 -0.89 -32.34
N CYS B 377 18.94 -0.05 -31.38
CA CYS B 377 19.26 -0.19 -29.97
C CYS B 377 18.21 -1.18 -29.44
N LYS B 378 18.63 -2.42 -29.14
CA LYS B 378 17.72 -3.48 -28.71
C LYS B 378 18.28 -4.43 -27.64
N ALA B 379 19.50 -4.13 -27.11
CA ALA B 379 20.14 -4.99 -26.09
C ALA B 379 19.32 -5.09 -24.81
N ILE B 380 18.61 -4.03 -24.43
CA ILE B 380 17.77 -4.02 -23.24
C ILE B 380 16.42 -4.59 -23.65
N ASN B 381 15.85 -5.52 -22.83
CA ASN B 381 14.52 -6.09 -23.02
C ASN B 381 13.57 -4.95 -23.32
N PRO B 382 12.91 -4.96 -24.50
CA PRO B 382 12.12 -3.80 -24.93
C PRO B 382 10.98 -3.35 -24.02
N ASP B 383 10.42 -4.29 -23.24
CA ASP B 383 9.35 -4.02 -22.27
C ASP B 383 9.93 -3.61 -20.89
N GLU B 384 11.28 -3.52 -20.79
CA GLU B 384 12.00 -3.15 -19.57
C GLU B 384 12.80 -1.85 -19.71
N ALA B 385 13.06 -1.39 -20.96
CA ALA B 385 13.85 -0.18 -21.28
C ALA B 385 13.35 1.12 -20.66
N VAL B 386 12.04 1.34 -20.66
CA VAL B 386 11.44 2.55 -20.09
C VAL B 386 11.66 2.59 -18.57
N ALA B 387 11.45 1.44 -17.88
CA ALA B 387 11.68 1.30 -16.43
C ALA B 387 13.16 1.46 -16.11
N TYR B 388 14.04 0.88 -16.97
CA TYR B 388 15.50 0.96 -16.83
C TYR B 388 15.90 2.45 -16.87
N GLY B 389 15.43 3.19 -17.88
CA GLY B 389 15.69 4.61 -18.04
C GLY B 389 15.15 5.46 -16.92
N ALA B 390 13.92 5.15 -16.45
CA ALA B 390 13.27 5.85 -15.35
C ALA B 390 14.08 5.64 -14.05
N ALA B 391 14.69 4.46 -13.89
CA ALA B 391 15.50 4.11 -12.70
C ALA B 391 16.82 4.88 -12.69
N VAL B 392 17.44 5.04 -13.89
CA VAL B 392 18.68 5.82 -14.05
C VAL B 392 18.37 7.28 -13.66
N GLN B 393 17.27 7.85 -14.20
CA GLN B 393 16.84 9.22 -13.88
C GLN B 393 16.50 9.37 -12.38
N ALA B 394 15.86 8.36 -11.79
CA ALA B 394 15.48 8.38 -10.36
C ALA B 394 16.71 8.47 -9.46
N ALA B 395 17.77 7.72 -9.80
CA ALA B 395 19.05 7.72 -9.10
C ALA B 395 19.72 9.10 -9.17
N ILE B 396 19.71 9.74 -10.36
CA ILE B 396 20.25 11.10 -10.56
C ILE B 396 19.50 12.07 -9.65
N LEU B 397 18.16 12.05 -9.71
CA LEU B 397 17.29 12.92 -8.93
C LEU B 397 17.34 12.67 -7.42
N ASN B 398 17.69 11.44 -7.02
CA ASN B 398 17.81 11.05 -5.61
C ASN B 398 19.17 11.47 -5.06
N GLY B 399 20.10 11.82 -5.95
CA GLY B 399 21.46 12.22 -5.61
C GLY B 399 22.34 11.02 -5.35
N GLU B 400 22.10 9.90 -6.09
CA GLU B 400 22.86 8.66 -5.97
C GLU B 400 24.05 8.63 -6.91
#